data_1XKJ
#
_entry.id   1XKJ
#
_cell.length_a   112.400
_cell.length_b   112.400
_cell.length_c   153.700
_cell.angle_alpha   90.00
_cell.angle_beta   90.00
_cell.angle_gamma   90.00
#
_symmetry.space_group_name_H-M   'P 41 21 2'
#
loop_
_entity.id
_entity.type
_entity.pdbx_description
1 polymer 'BETA2 LUCIFERASE'
2 water water
#
_entity_poly.entity_id   1
_entity_poly.type   'polypeptide(L)'
_entity_poly.pdbx_seq_one_letter_code
;MKFGLFFLNFMNSKRSSDQVIEEMLDTAHYVDQLKFDTLAVYENHFSNNGVVGAPLTVAGFLLGMTKNAKVASLNHVITT
HHPVRVAEEACLLDQMSEGRFAFGFSDCEKSADMRFFNRPTDSQFQLFSECHKIINDAFTTGYCHPNNDFYSFPKISVNP
HAFTEGGPAQFVNATSKEVVEWAAKLGLPLVFRWDDSNAQRKEYAGLYHEVAQAHGVDVSQVRHKLTLLVNQNVDGEAAR
AEARVYLEEFVRESYSNTDFEQKMGELLSENAIGTYEESTQAARVAIECCGAADLLMSFESMEDKAQQRAVIDVVNANIV
KYHS
;
_entity_poly.pdbx_strand_id   A,B
#
# COMPACT_ATOMS: atom_id res chain seq x y z
N MET A 1 -25.42 -2.40 18.36
CA MET A 1 -24.85 -1.60 17.24
C MET A 1 -23.39 -1.28 17.50
N LYS A 2 -22.62 -1.25 16.42
CA LYS A 2 -21.21 -0.89 16.50
C LYS A 2 -21.03 0.41 15.75
N PHE A 3 -20.03 1.20 16.16
CA PHE A 3 -19.76 2.49 15.54
C PHE A 3 -18.34 2.65 14.98
N GLY A 4 -18.18 3.50 13.98
CA GLY A 4 -16.86 3.69 13.40
C GLY A 4 -16.75 5.03 12.76
N LEU A 5 -15.56 5.38 12.28
CA LEU A 5 -15.32 6.65 11.61
C LEU A 5 -14.85 6.38 10.23
N PHE A 6 -15.18 7.25 9.29
CA PHE A 6 -14.65 7.05 7.97
C PHE A 6 -14.09 8.39 7.49
N PHE A 7 -13.06 8.34 6.66
CA PHE A 7 -12.43 9.54 6.17
C PHE A 7 -12.64 9.73 4.68
N LEU A 8 -13.22 10.87 4.32
CA LEU A 8 -13.45 11.20 2.92
C LEU A 8 -12.22 11.95 2.39
N ASN A 9 -11.58 12.72 3.28
CA ASN A 9 -10.40 13.50 2.94
C ASN A 9 -10.60 14.38 1.74
N PHE A 10 -11.61 15.25 1.81
CA PHE A 10 -11.93 16.19 0.72
C PHE A 10 -11.05 17.42 0.93
N MET A 11 -10.64 18.04 -0.16
CA MET A 11 -9.85 19.27 -0.05
C MET A 11 -10.55 20.37 -0.86
N ASN A 12 -10.41 21.60 -0.39
CA ASN A 12 -11.03 22.76 -1.05
C ASN A 12 -10.12 23.95 -0.79
N SER A 13 -10.59 25.12 -1.17
CA SER A 13 -9.81 26.36 -1.05
C SER A 13 -9.25 26.67 0.33
N LYS A 14 -9.90 26.19 1.39
CA LYS A 14 -9.43 26.46 2.77
C LYS A 14 -8.57 25.35 3.39
N ARG A 15 -8.71 24.11 2.89
CA ARG A 15 -7.94 22.97 3.39
C ARG A 15 -7.21 22.18 2.29
N SER A 16 -5.87 22.26 2.29
CA SER A 16 -5.05 21.57 1.30
C SER A 16 -4.79 20.10 1.61
N SER A 17 -4.27 19.36 0.65
CA SER A 17 -4.00 17.94 0.79
C SER A 17 -3.09 17.57 1.95
N ASP A 18 -2.06 18.36 2.18
CA ASP A 18 -1.16 18.08 3.26
C ASP A 18 -1.92 18.22 4.59
N GLN A 19 -2.85 19.17 4.63
CA GLN A 19 -3.67 19.46 5.82
C GLN A 19 -4.70 18.36 6.11
N VAL A 20 -5.50 17.99 5.11
CA VAL A 20 -6.49 16.94 5.31
C VAL A 20 -5.88 15.59 5.72
N ILE A 21 -4.68 15.28 5.23
CA ILE A 21 -4.02 14.02 5.56
C ILE A 21 -3.47 14.08 6.96
N GLU A 22 -2.99 15.25 7.33
CA GLU A 22 -2.46 15.48 8.67
C GLU A 22 -3.64 15.43 9.69
N GLU A 23 -4.81 15.99 9.35
CA GLU A 23 -5.98 15.95 10.23
C GLU A 23 -6.52 14.53 10.38
N MET A 24 -6.46 13.72 9.33
CA MET A 24 -6.90 12.34 9.41
C MET A 24 -6.04 11.56 10.41
N LEU A 25 -4.73 11.76 10.37
CA LEU A 25 -3.84 11.05 11.28
C LEU A 25 -4.00 11.43 12.74
N ASP A 26 -4.37 12.68 13.01
CA ASP A 26 -4.54 13.12 14.38
C ASP A 26 -5.79 12.50 14.95
N THR A 27 -6.84 12.44 14.13
CA THR A 27 -8.09 11.86 14.55
C THR A 27 -7.96 10.36 14.77
N ALA A 28 -7.24 9.66 13.92
CA ALA A 28 -7.11 8.23 14.11
C ALA A 28 -6.42 8.02 15.44
N HIS A 29 -5.43 8.83 15.71
CA HIS A 29 -4.71 8.69 16.93
C HIS A 29 -5.57 8.94 18.16
N TYR A 30 -6.45 9.94 18.06
CA TYR A 30 -7.34 10.33 19.15
C TYR A 30 -8.39 9.29 19.44
N VAL A 31 -9.09 8.93 18.38
CA VAL A 31 -10.18 7.96 18.40
C VAL A 31 -9.75 6.54 18.76
N ASP A 32 -8.47 6.26 18.64
CA ASP A 32 -7.97 4.93 18.92
C ASP A 32 -8.06 4.58 20.41
N GLN A 33 -8.21 5.62 21.25
CA GLN A 33 -8.32 5.43 22.70
C GLN A 33 -9.78 5.24 23.12
N LEU A 34 -10.70 5.65 22.25
CA LEU A 34 -12.12 5.59 22.49
C LEU A 34 -12.80 4.29 22.14
N LYS A 35 -14.14 4.33 22.16
CA LYS A 35 -14.96 3.18 21.89
C LYS A 35 -15.29 2.87 20.44
N PHE A 36 -14.83 3.71 19.52
CA PHE A 36 -15.06 3.48 18.12
C PHE A 36 -14.37 2.22 17.67
N ASP A 37 -15.16 1.45 16.96
CA ASP A 37 -14.81 0.13 16.48
C ASP A 37 -13.90 0.04 15.24
N THR A 38 -14.24 0.84 14.23
CA THR A 38 -13.56 0.83 12.92
C THR A 38 -13.22 2.19 12.37
N LEU A 39 -12.10 2.24 11.64
CA LEU A 39 -11.65 3.46 10.96
C LEU A 39 -11.59 3.06 9.52
N ALA A 40 -12.28 3.80 8.65
CA ALA A 40 -12.30 3.45 7.22
C ALA A 40 -11.87 4.60 6.30
N VAL A 41 -11.20 4.22 5.22
CA VAL A 41 -10.66 5.18 4.26
C VAL A 41 -11.39 5.15 2.91
N TYR A 42 -11.78 6.32 2.40
CA TYR A 42 -12.47 6.43 1.11
C TYR A 42 -11.48 6.65 -0.07
N GLU A 43 -11.79 6.07 -1.23
CA GLU A 43 -10.95 6.15 -2.44
C GLU A 43 -11.50 7.08 -3.54
N ASN A 44 -10.67 7.98 -4.05
CA ASN A 44 -11.07 8.90 -5.14
C ASN A 44 -9.83 9.24 -5.95
N HIS A 45 -10.01 9.58 -7.23
CA HIS A 45 -8.88 9.91 -8.08
C HIS A 45 -9.11 11.17 -8.88
N PHE A 46 -8.02 11.91 -9.08
CA PHE A 46 -8.02 13.11 -9.91
C PHE A 46 -8.90 14.34 -9.64
N SER A 47 -9.51 14.45 -8.47
CA SER A 47 -10.34 15.60 -8.16
C SER A 47 -10.16 15.98 -6.70
N ASN A 48 -10.71 17.13 -6.35
CA ASN A 48 -10.61 17.66 -5.00
C ASN A 48 -11.43 16.88 -4.04
N ASN A 49 -12.38 16.12 -4.56
CA ASN A 49 -13.28 15.37 -3.73
C ASN A 49 -12.80 14.01 -3.29
N GLY A 50 -11.75 14.01 -2.46
CA GLY A 50 -11.16 12.79 -1.97
C GLY A 50 -9.72 12.72 -2.46
N VAL A 51 -8.79 12.88 -1.53
CA VAL A 51 -7.39 12.91 -1.84
C VAL A 51 -6.63 11.54 -1.83
N VAL A 52 -7.28 10.48 -1.34
CA VAL A 52 -6.68 9.15 -1.23
C VAL A 52 -7.01 8.21 -2.39
N GLY A 53 -6.03 7.94 -3.24
CA GLY A 53 -6.23 7.08 -4.38
C GLY A 53 -5.85 5.64 -4.16
N ALA A 54 -5.09 5.43 -3.08
CA ALA A 54 -4.64 4.10 -2.71
C ALA A 54 -5.03 3.82 -1.25
N PRO A 55 -6.29 3.47 -0.99
CA PRO A 55 -6.75 3.19 0.37
C PRO A 55 -6.02 2.09 1.11
N LEU A 56 -5.57 1.07 0.41
CA LEU A 56 -4.90 -0.01 1.12
C LEU A 56 -3.56 0.43 1.73
N THR A 57 -2.86 1.30 1.01
CA THR A 57 -1.58 1.79 1.48
C THR A 57 -1.77 2.73 2.67
N VAL A 58 -2.86 3.50 2.64
CA VAL A 58 -3.16 4.36 3.76
C VAL A 58 -3.66 3.50 4.93
N ALA A 59 -4.27 2.36 4.65
CA ALA A 59 -4.75 1.52 5.72
C ALA A 59 -3.58 0.85 6.39
N GLY A 60 -2.52 0.62 5.63
CA GLY A 60 -1.34 0.00 6.21
C GLY A 60 -0.70 0.91 7.26
N PHE A 61 -0.56 2.19 6.91
CA PHE A 61 0.02 3.19 7.79
C PHE A 61 -0.80 3.31 9.08
N LEU A 62 -2.11 3.48 8.93
CA LEU A 62 -3.00 3.60 10.09
C LEU A 62 -2.88 2.35 10.96
N LEU A 63 -2.74 1.20 10.32
CA LEU A 63 -2.67 -0.01 11.10
C LEU A 63 -1.40 -0.03 11.94
N GLY A 64 -0.27 0.31 11.34
CA GLY A 64 0.94 0.29 12.13
C GLY A 64 1.02 1.41 13.15
N MET A 65 0.11 2.36 13.06
CA MET A 65 0.09 3.53 13.94
C MET A 65 -0.90 3.43 15.12
N THR A 66 -1.92 2.58 14.99
CA THR A 66 -2.93 2.42 16.03
C THR A 66 -2.83 1.04 16.68
N LYS A 67 -3.55 0.83 17.78
CA LYS A 67 -3.53 -0.46 18.52
C LYS A 67 -4.89 -1.17 18.66
N ASN A 68 -5.99 -0.41 18.65
CA ASN A 68 -7.31 -1.01 18.87
C ASN A 68 -8.26 -1.07 17.70
N ALA A 69 -8.43 0.06 17.04
CA ALA A 69 -9.36 0.12 15.95
C ALA A 69 -9.06 -0.88 14.86
N LYS A 70 -10.10 -1.29 14.16
CA LYS A 70 -9.93 -2.15 13.01
C LYS A 70 -9.84 -1.09 11.92
N VAL A 71 -9.09 -1.36 10.86
CA VAL A 71 -8.98 -0.37 9.82
C VAL A 71 -9.45 -1.01 8.56
N ALA A 72 -10.25 -0.29 7.80
CA ALA A 72 -10.79 -0.82 6.56
C ALA A 72 -10.77 0.16 5.41
N SER A 73 -10.72 -0.40 4.21
CA SER A 73 -10.84 0.41 3.01
C SER A 73 -12.36 0.40 2.86
N LEU A 74 -12.94 1.54 2.56
CA LEU A 74 -14.37 1.63 2.46
C LEU A 74 -14.91 1.28 1.09
N ASN A 75 -14.15 1.56 0.03
CA ASN A 75 -14.68 1.28 -1.28
C ASN A 75 -13.62 1.06 -2.33
N HIS A 76 -12.63 0.22 -2.03
CA HIS A 76 -11.57 -0.02 -2.96
C HIS A 76 -12.19 -0.50 -4.26
N VAL A 77 -11.91 0.21 -5.35
CA VAL A 77 -12.43 -0.13 -6.66
C VAL A 77 -11.54 -1.19 -7.33
N ILE A 78 -11.96 -2.46 -7.27
CA ILE A 78 -11.19 -3.59 -7.82
C ILE A 78 -11.12 -3.84 -9.33
N THR A 79 -12.11 -3.32 -10.06
CA THR A 79 -12.25 -3.44 -11.52
C THR A 79 -11.11 -2.80 -12.30
N THR A 80 -10.51 -1.77 -11.69
CA THR A 80 -9.40 -1.02 -12.27
C THR A 80 -8.01 -1.49 -11.82
N HIS A 81 -7.92 -2.66 -11.18
CA HIS A 81 -6.64 -3.23 -10.70
C HIS A 81 -6.50 -4.70 -11.05
N HIS A 82 -5.32 -5.28 -10.86
CA HIS A 82 -5.14 -6.69 -11.17
C HIS A 82 -5.48 -7.49 -9.92
N PRO A 83 -6.47 -8.39 -9.99
CA PRO A 83 -6.96 -9.26 -8.92
C PRO A 83 -5.88 -9.83 -8.01
N VAL A 84 -4.82 -10.33 -8.63
CA VAL A 84 -3.71 -10.96 -7.92
C VAL A 84 -2.97 -9.98 -7.00
N ARG A 85 -2.87 -8.74 -7.43
CA ARG A 85 -2.20 -7.73 -6.63
C ARG A 85 -3.05 -7.24 -5.45
N VAL A 86 -4.37 -7.09 -5.68
CA VAL A 86 -5.30 -6.67 -4.64
C VAL A 86 -5.26 -7.69 -3.53
N ALA A 87 -5.17 -8.98 -3.91
CA ALA A 87 -5.10 -10.08 -2.97
C ALA A 87 -3.76 -10.07 -2.25
N GLU A 88 -2.66 -9.82 -2.98
CA GLU A 88 -1.31 -9.73 -2.39
C GLU A 88 -1.30 -8.65 -1.31
N GLU A 89 -1.84 -7.48 -1.62
CA GLU A 89 -1.89 -6.37 -0.68
C GLU A 89 -2.78 -6.64 0.52
N ALA A 90 -3.99 -7.14 0.27
CA ALA A 90 -4.96 -7.43 1.32
C ALA A 90 -4.46 -8.49 2.27
N CYS A 91 -3.77 -9.49 1.77
CA CYS A 91 -3.22 -10.53 2.63
C CYS A 91 -2.01 -10.02 3.43
N LEU A 92 -1.31 -9.02 2.89
CA LEU A 92 -0.15 -8.46 3.55
C LEU A 92 -0.64 -7.63 4.77
N LEU A 93 -1.70 -6.87 4.55
CA LEU A 93 -2.26 -6.06 5.63
C LEU A 93 -2.81 -6.95 6.73
N ASP A 94 -3.40 -8.07 6.32
CA ASP A 94 -3.99 -9.04 7.21
C ASP A 94 -2.92 -9.66 8.10
N GLN A 95 -1.79 -10.03 7.50
CA GLN A 95 -0.67 -10.61 8.25
C GLN A 95 0.00 -9.58 9.18
N MET A 96 0.49 -8.49 8.62
CA MET A 96 1.18 -7.52 9.44
C MET A 96 0.32 -7.06 10.57
N SER A 97 -0.96 -6.84 10.33
CA SER A 97 -1.81 -6.34 11.40
C SER A 97 -2.43 -7.40 12.33
N GLU A 98 -2.27 -8.67 11.98
CA GLU A 98 -2.81 -9.77 12.76
C GLU A 98 -4.35 -9.80 12.91
N GLY A 99 -5.03 -9.62 11.78
CA GLY A 99 -6.47 -9.66 11.76
C GLY A 99 -7.27 -8.41 12.04
N ARG A 100 -6.65 -7.22 11.90
CA ARG A 100 -7.37 -5.97 12.16
C ARG A 100 -7.77 -5.25 10.89
N PHE A 101 -7.51 -5.88 9.75
CA PHE A 101 -7.85 -5.26 8.49
C PHE A 101 -9.14 -5.83 7.90
N ALA A 102 -10.00 -4.95 7.41
CA ALA A 102 -11.28 -5.30 6.79
C ALA A 102 -11.32 -4.83 5.33
N PHE A 103 -11.76 -5.71 4.44
CA PHE A 103 -11.79 -5.42 3.04
C PHE A 103 -13.08 -4.90 2.45
N GLY A 104 -13.26 -3.59 2.42
CA GLY A 104 -14.45 -3.02 1.81
C GLY A 104 -14.08 -2.72 0.36
N PHE A 105 -14.85 -3.24 -0.58
CA PHE A 105 -14.55 -3.05 -1.98
C PHE A 105 -15.73 -2.56 -2.76
N SER A 106 -15.51 -2.22 -4.03
CA SER A 106 -16.57 -1.66 -4.85
C SER A 106 -16.41 -1.81 -6.35
N ASP A 107 -17.50 -1.56 -7.04
CA ASP A 107 -17.52 -1.60 -8.49
C ASP A 107 -17.12 -0.19 -8.89
N CYS A 108 -16.89 0.08 -10.17
CA CYS A 108 -16.50 1.44 -10.56
C CYS A 108 -17.67 2.42 -10.70
N GLU A 109 -17.65 3.46 -9.85
CA GLU A 109 -18.68 4.52 -9.79
C GLU A 109 -18.60 5.60 -10.91
N LYS A 110 -17.38 6.04 -11.24
CA LYS A 110 -17.18 7.04 -12.30
C LYS A 110 -16.68 6.33 -13.57
N SER A 111 -17.27 6.67 -14.72
CA SER A 111 -16.90 6.05 -15.99
C SER A 111 -15.60 6.61 -16.57
N ALA A 112 -15.23 7.83 -16.15
CA ALA A 112 -14.01 8.48 -16.62
C ALA A 112 -12.73 7.77 -16.11
N ASP A 113 -12.90 6.91 -15.12
CA ASP A 113 -11.80 6.12 -14.54
C ASP A 113 -11.71 4.80 -15.30
N MET A 114 -12.84 4.35 -15.88
CA MET A 114 -12.91 3.10 -16.67
C MET A 114 -12.27 3.32 -18.04
N ARG A 115 -12.69 4.41 -18.70
CA ARG A 115 -12.21 4.81 -20.01
C ARG A 115 -10.77 5.38 -19.87
N PHE A 116 -10.26 5.36 -18.64
CA PHE A 116 -8.91 5.84 -18.30
C PHE A 116 -7.97 4.65 -18.13
N PHE A 117 -8.32 3.74 -17.22
CA PHE A 117 -7.51 2.55 -16.93
C PHE A 117 -7.73 1.46 -18.00
N ASN A 118 -8.30 1.90 -19.14
CA ASN A 118 -8.60 1.07 -20.30
C ASN A 118 -9.12 -0.35 -20.06
N ARG A 119 -10.27 -0.43 -19.36
CA ARG A 119 -10.96 -1.70 -19.07
C ARG A 119 -12.28 -1.58 -19.88
N PRO A 120 -12.72 -2.68 -20.54
CA PRO A 120 -13.97 -2.68 -21.34
C PRO A 120 -15.20 -2.21 -20.57
N THR A 121 -15.83 -1.11 -21.02
CA THR A 121 -17.03 -0.53 -20.38
C THR A 121 -18.37 -1.22 -20.70
N ASP A 122 -18.30 -2.22 -21.58
CA ASP A 122 -19.44 -3.02 -22.03
C ASP A 122 -19.65 -4.28 -21.17
N SER A 123 -18.54 -4.82 -20.65
CA SER A 123 -18.55 -6.01 -19.80
C SER A 123 -18.02 -5.68 -18.40
N GLN A 124 -18.44 -4.53 -17.88
CA GLN A 124 -18.00 -4.08 -16.58
C GLN A 124 -18.44 -4.99 -15.44
N PHE A 125 -19.69 -5.44 -15.45
CA PHE A 125 -20.16 -6.30 -14.38
C PHE A 125 -19.53 -7.68 -14.39
N GLN A 126 -19.30 -8.22 -15.57
CA GLN A 126 -18.69 -9.54 -15.66
C GLN A 126 -17.25 -9.43 -15.19
N LEU A 127 -16.59 -8.32 -15.53
CA LEU A 127 -15.19 -8.09 -15.14
C LEU A 127 -15.07 -7.98 -13.63
N PHE A 128 -15.88 -7.11 -13.06
CA PHE A 128 -15.90 -6.93 -11.64
C PHE A 128 -16.05 -8.29 -10.93
N SER A 129 -17.06 -9.07 -11.30
CA SER A 129 -17.28 -10.37 -10.66
C SER A 129 -16.19 -11.38 -10.89
N GLU A 130 -15.53 -11.33 -12.04
CA GLU A 130 -14.45 -12.27 -12.29
C GLU A 130 -13.28 -11.88 -11.40
N CYS A 131 -13.08 -10.58 -11.25
CA CYS A 131 -12.02 -10.07 -10.40
C CYS A 131 -12.23 -10.56 -8.98
N HIS A 132 -13.47 -10.49 -8.49
CA HIS A 132 -13.72 -10.97 -7.15
C HIS A 132 -13.47 -12.47 -7.00
N LYS A 133 -13.90 -13.25 -7.99
CA LYS A 133 -13.71 -14.68 -7.91
C LYS A 133 -12.24 -15.02 -7.73
N ILE A 134 -11.39 -14.28 -8.42
CA ILE A 134 -9.95 -14.51 -8.34
C ILE A 134 -9.37 -14.10 -6.98
N ILE A 135 -9.84 -12.98 -6.44
CA ILE A 135 -9.37 -12.49 -5.15
C ILE A 135 -9.79 -13.50 -4.09
N ASN A 136 -11.07 -13.85 -4.12
CA ASN A 136 -11.64 -14.79 -3.17
C ASN A 136 -10.95 -16.17 -3.20
N ASP A 137 -10.52 -16.62 -4.36
CA ASP A 137 -9.81 -17.90 -4.43
C ASP A 137 -8.56 -17.76 -3.58
N ALA A 138 -7.76 -16.75 -3.93
CA ALA A 138 -6.52 -16.46 -3.22
C ALA A 138 -6.72 -16.38 -1.71
N PHE A 139 -7.74 -15.64 -1.29
CA PHE A 139 -8.01 -15.52 0.13
C PHE A 139 -8.21 -16.86 0.81
N THR A 140 -9.06 -17.70 0.20
CA THR A 140 -9.42 -19.01 0.76
C THR A 140 -8.50 -20.20 0.52
N THR A 141 -7.80 -20.23 -0.62
CA THR A 141 -6.90 -21.35 -0.95
C THR A 141 -5.41 -21.01 -1.00
N GLY A 142 -5.12 -19.71 -1.07
CA GLY A 142 -3.73 -19.27 -1.15
C GLY A 142 -3.24 -19.39 -2.58
N TYR A 143 -4.11 -19.93 -3.42
CA TYR A 143 -3.81 -20.13 -4.83
C TYR A 143 -4.97 -19.57 -5.62
N CYS A 144 -4.75 -19.47 -6.92
CA CYS A 144 -5.77 -19.03 -7.84
C CYS A 144 -5.40 -19.48 -9.26
N HIS A 145 -6.41 -19.96 -9.98
CA HIS A 145 -6.22 -20.48 -11.32
C HIS A 145 -7.48 -20.20 -12.11
N PRO A 146 -7.49 -19.09 -12.84
CA PRO A 146 -8.62 -18.64 -13.66
C PRO A 146 -8.48 -19.13 -15.12
N ASN A 147 -9.60 -19.32 -15.79
CA ASN A 147 -9.59 -19.76 -17.18
C ASN A 147 -10.78 -19.08 -17.92
N ASN A 148 -10.66 -17.78 -18.18
CA ASN A 148 -11.73 -17.02 -18.83
C ASN A 148 -11.26 -15.90 -19.76
N ASP A 149 -12.23 -15.24 -20.40
CA ASP A 149 -11.97 -14.16 -21.37
C ASP A 149 -11.15 -12.94 -20.88
N PHE A 150 -11.13 -12.71 -19.57
CA PHE A 150 -10.41 -11.57 -18.99
C PHE A 150 -9.02 -11.90 -18.44
N TYR A 151 -8.93 -13.01 -17.71
CA TYR A 151 -7.68 -13.42 -17.11
C TYR A 151 -7.37 -14.89 -17.35
N SER A 152 -6.33 -15.15 -18.12
CA SER A 152 -5.95 -16.52 -18.40
C SER A 152 -4.45 -16.68 -18.14
N PHE A 153 -4.15 -17.42 -17.08
CA PHE A 153 -2.79 -17.75 -16.64
C PHE A 153 -2.80 -19.06 -15.84
N PRO A 154 -1.61 -19.68 -15.64
CA PRO A 154 -1.51 -20.95 -14.88
C PRO A 154 -1.70 -20.83 -13.37
N LYS A 155 -1.56 -21.97 -12.68
CA LYS A 155 -1.71 -22.02 -11.23
C LYS A 155 -0.55 -21.36 -10.51
N ILE A 156 -0.81 -20.17 -9.97
CA ILE A 156 0.20 -19.45 -9.21
C ILE A 156 -0.17 -19.41 -7.73
N SER A 157 0.84 -19.28 -6.87
CA SER A 157 0.61 -19.18 -5.44
C SER A 157 0.64 -17.69 -5.13
N VAL A 158 -0.25 -17.24 -4.25
CA VAL A 158 -0.30 -15.83 -3.90
C VAL A 158 0.22 -15.65 -2.49
N ASN A 159 1.47 -15.23 -2.36
CA ASN A 159 2.06 -14.99 -1.06
C ASN A 159 1.88 -13.55 -0.61
N PRO A 160 1.71 -13.34 0.70
CA PRO A 160 1.69 -14.44 1.68
C PRO A 160 0.28 -14.95 1.85
N HIS A 161 0.15 -16.16 2.38
CA HIS A 161 -1.17 -16.71 2.59
C HIS A 161 -1.86 -15.86 3.66
N ALA A 162 -3.18 -15.93 3.74
CA ALA A 162 -3.92 -15.12 4.71
C ALA A 162 -3.64 -15.51 6.15
N PHE A 163 -3.84 -14.56 7.05
CA PHE A 163 -3.63 -14.79 8.47
C PHE A 163 -5.00 -15.24 9.05
N THR A 164 -6.05 -14.47 8.75
CA THR A 164 -7.43 -14.73 9.18
C THR A 164 -8.00 -15.82 8.28
N GLU A 165 -8.57 -16.86 8.87
CA GLU A 165 -9.07 -17.92 7.99
C GLU A 165 -10.26 -17.51 7.14
N GLY A 166 -10.03 -17.63 5.84
CA GLY A 166 -11.02 -17.28 4.84
C GLY A 166 -10.71 -15.91 4.26
N GLY A 167 -9.62 -15.30 4.76
CA GLY A 167 -9.23 -13.98 4.29
C GLY A 167 -9.87 -12.90 5.14
N PRO A 168 -9.43 -11.64 5.01
CA PRO A 168 -10.03 -10.57 5.81
C PRO A 168 -11.51 -10.45 5.55
N ALA A 169 -12.27 -10.13 6.58
CA ALA A 169 -13.70 -9.98 6.39
C ALA A 169 -13.95 -9.09 5.18
N GLN A 170 -15.08 -9.27 4.51
CA GLN A 170 -15.43 -8.47 3.31
C GLN A 170 -16.80 -7.82 3.39
N PHE A 171 -16.98 -6.75 2.60
CA PHE A 171 -18.25 -6.03 2.47
C PHE A 171 -18.22 -5.23 1.19
N VAL A 172 -19.34 -5.21 0.49
CA VAL A 172 -19.41 -4.55 -0.79
C VAL A 172 -20.29 -3.34 -0.81
N ASN A 173 -19.89 -2.36 -1.61
CA ASN A 173 -20.65 -1.13 -1.72
C ASN A 173 -21.90 -1.34 -2.51
N ALA A 174 -22.97 -0.76 -2.01
CA ALA A 174 -24.26 -0.84 -2.65
C ALA A 174 -24.30 0.25 -3.72
N THR A 175 -23.75 -0.06 -4.88
CA THR A 175 -23.69 0.90 -5.96
C THR A 175 -24.77 0.67 -7.03
N SER A 176 -25.18 -0.58 -7.23
CA SER A 176 -26.19 -0.93 -8.24
C SER A 176 -27.06 -2.16 -7.88
N LYS A 177 -28.24 -2.23 -8.48
CA LYS A 177 -29.16 -3.34 -8.28
C LYS A 177 -28.45 -4.65 -8.60
N GLU A 178 -27.68 -4.61 -9.67
CA GLU A 178 -26.89 -5.75 -10.13
C GLU A 178 -25.89 -6.22 -9.05
N VAL A 179 -25.24 -5.27 -8.37
CA VAL A 179 -24.26 -5.57 -7.33
C VAL A 179 -24.92 -6.10 -6.07
N VAL A 180 -26.02 -5.46 -5.67
CA VAL A 180 -26.75 -5.86 -4.48
C VAL A 180 -27.27 -7.27 -4.63
N GLU A 181 -27.91 -7.52 -5.75
CA GLU A 181 -28.43 -8.85 -6.03
C GLU A 181 -27.26 -9.83 -5.95
N TRP A 182 -26.15 -9.48 -6.60
CA TRP A 182 -24.93 -10.30 -6.60
C TRP A 182 -24.42 -10.54 -5.17
N ALA A 183 -24.41 -9.49 -4.36
CA ALA A 183 -23.94 -9.59 -2.98
C ALA A 183 -24.89 -10.47 -2.20
N ALA A 184 -26.18 -10.33 -2.50
CA ALA A 184 -27.21 -11.13 -1.84
C ALA A 184 -26.98 -12.63 -1.99
N LYS A 185 -26.81 -13.09 -3.23
CA LYS A 185 -26.60 -14.51 -3.51
C LYS A 185 -25.39 -15.14 -2.82
N LEU A 186 -24.39 -14.33 -2.47
CA LEU A 186 -23.17 -14.85 -1.84
C LEU A 186 -23.17 -14.71 -0.34
N GLY A 187 -24.04 -13.84 0.16
CA GLY A 187 -24.14 -13.62 1.60
C GLY A 187 -23.14 -12.59 2.10
N LEU A 188 -22.70 -11.70 1.20
CA LEU A 188 -21.77 -10.67 1.59
C LEU A 188 -22.53 -9.45 2.07
N PRO A 189 -22.07 -8.80 3.15
CA PRO A 189 -22.73 -7.61 3.68
C PRO A 189 -22.54 -6.39 2.77
N LEU A 190 -23.42 -5.44 2.88
CA LEU A 190 -23.35 -4.27 2.04
C LEU A 190 -23.07 -3.09 2.92
N VAL A 191 -22.55 -2.04 2.33
CA VAL A 191 -22.37 -0.80 3.05
C VAL A 191 -23.21 0.19 2.25
N PHE A 192 -24.19 0.79 2.92
CA PHE A 192 -25.07 1.74 2.28
C PHE A 192 -24.36 3.08 2.20
N ARG A 193 -24.43 3.74 1.05
CA ARG A 193 -23.74 5.01 0.86
C ARG A 193 -24.48 6.23 1.36
N TRP A 194 -23.73 7.14 1.95
CA TRP A 194 -24.24 8.38 2.52
C TRP A 194 -24.76 9.36 1.48
N ASP A 195 -24.21 9.29 0.26
CA ASP A 195 -24.64 10.20 -0.82
C ASP A 195 -25.95 9.76 -1.49
N ASP A 196 -26.46 8.61 -1.05
CA ASP A 196 -27.73 8.10 -1.53
C ASP A 196 -28.85 8.65 -0.66
N SER A 197 -30.08 8.51 -1.18
CA SER A 197 -31.30 8.95 -0.53
C SER A 197 -31.83 7.82 0.34
N ASN A 198 -32.71 8.16 1.27
CA ASN A 198 -33.31 7.16 2.14
C ASN A 198 -34.19 6.23 1.29
N ALA A 199 -34.85 6.80 0.29
CA ALA A 199 -35.67 6.04 -0.62
C ALA A 199 -34.84 4.96 -1.37
N GLN A 200 -33.70 5.39 -1.91
CA GLN A 200 -32.83 4.48 -2.67
C GLN A 200 -32.26 3.36 -1.79
N ARG A 201 -31.93 3.68 -0.54
CA ARG A 201 -31.37 2.68 0.36
C ARG A 201 -32.38 1.61 0.80
N LYS A 202 -33.63 2.02 1.02
CA LYS A 202 -34.69 1.07 1.41
C LYS A 202 -34.95 0.09 0.25
N GLU A 203 -34.78 0.57 -0.97
CA GLU A 203 -34.99 -0.25 -2.15
C GLU A 203 -33.91 -1.31 -2.27
N TYR A 204 -32.66 -0.92 -2.04
CA TYR A 204 -31.51 -1.84 -2.08
C TYR A 204 -31.65 -2.85 -0.98
N ALA A 205 -32.03 -2.35 0.20
CA ALA A 205 -32.21 -3.17 1.38
C ALA A 205 -33.24 -4.26 1.10
N GLY A 206 -34.34 -3.87 0.47
CA GLY A 206 -35.41 -4.81 0.13
C GLY A 206 -34.95 -5.85 -0.88
N LEU A 207 -34.31 -5.39 -1.94
CA LEU A 207 -33.82 -6.27 -2.97
C LEU A 207 -32.82 -7.31 -2.47
N TYR A 208 -31.95 -6.91 -1.57
CA TYR A 208 -30.93 -7.81 -1.05
C TYR A 208 -31.63 -8.98 -0.39
N HIS A 209 -32.61 -8.65 0.42
CA HIS A 209 -33.38 -9.61 1.20
C HIS A 209 -34.24 -10.56 0.34
N GLU A 210 -34.97 -10.05 -0.66
CA GLU A 210 -35.79 -10.93 -1.51
C GLU A 210 -34.91 -11.92 -2.26
N VAL A 211 -33.79 -11.43 -2.78
CA VAL A 211 -32.86 -12.26 -3.54
C VAL A 211 -32.25 -13.27 -2.60
N ALA A 212 -31.92 -12.83 -1.40
CA ALA A 212 -31.34 -13.71 -0.39
C ALA A 212 -32.38 -14.76 0.02
N GLN A 213 -33.61 -14.30 0.26
CA GLN A 213 -34.71 -15.18 0.65
C GLN A 213 -34.97 -16.25 -0.43
N ALA A 214 -34.94 -15.82 -1.69
CA ALA A 214 -35.18 -16.71 -2.81
C ALA A 214 -34.12 -17.79 -3.00
N HIS A 215 -32.84 -17.41 -2.99
CA HIS A 215 -31.75 -18.37 -3.20
C HIS A 215 -31.38 -19.19 -1.97
N GLY A 216 -32.16 -19.03 -0.90
CA GLY A 216 -31.97 -19.80 0.33
C GLY A 216 -30.65 -19.53 1.02
N VAL A 217 -30.37 -18.27 1.24
CA VAL A 217 -29.15 -17.87 1.91
C VAL A 217 -29.47 -17.27 3.28
N ASP A 218 -28.72 -17.72 4.28
CA ASP A 218 -28.86 -17.36 5.69
C ASP A 218 -28.34 -15.93 5.99
N VAL A 219 -29.25 -14.95 5.98
CA VAL A 219 -28.90 -13.56 6.21
C VAL A 219 -29.31 -13.00 7.57
N SER A 220 -29.23 -13.82 8.61
CA SER A 220 -29.59 -13.39 9.98
C SER A 220 -28.36 -13.02 10.80
N GLN A 221 -27.20 -13.43 10.31
CA GLN A 221 -25.92 -13.15 10.96
C GLN A 221 -25.10 -12.13 10.13
N VAL A 222 -25.70 -11.55 9.09
CA VAL A 222 -25.05 -10.57 8.20
C VAL A 222 -25.24 -9.15 8.72
N ARG A 223 -24.14 -8.42 8.87
CA ARG A 223 -24.24 -7.06 9.39
C ARG A 223 -23.99 -5.98 8.35
N HIS A 224 -25.05 -5.32 7.92
CA HIS A 224 -24.91 -4.26 6.95
C HIS A 224 -24.38 -3.04 7.66
N LYS A 225 -23.73 -2.17 6.90
CA LYS A 225 -23.14 -0.95 7.41
C LYS A 225 -23.71 0.24 6.70
N LEU A 226 -23.80 1.35 7.41
CA LEU A 226 -24.31 2.55 6.80
C LEU A 226 -23.33 3.64 7.12
N THR A 227 -23.02 4.46 6.11
CA THR A 227 -22.12 5.59 6.25
C THR A 227 -23.00 6.85 6.29
N LEU A 228 -22.64 7.84 7.10
CA LEU A 228 -23.41 9.06 7.19
C LEU A 228 -22.50 10.22 7.55
N LEU A 229 -22.89 11.43 7.16
CA LEU A 229 -22.10 12.59 7.51
C LEU A 229 -22.68 13.17 8.79
N VAL A 230 -21.82 13.57 9.71
CA VAL A 230 -22.31 14.15 10.95
C VAL A 230 -21.76 15.53 11.11
N ASN A 231 -22.64 16.48 11.35
CA ASN A 231 -22.26 17.86 11.60
C ASN A 231 -23.28 18.39 12.58
N GLN A 232 -22.83 18.67 13.80
CA GLN A 232 -23.71 19.17 14.84
C GLN A 232 -23.27 20.57 15.31
N ASN A 233 -24.09 21.56 15.00
CA ASN A 233 -23.80 22.89 15.46
C ASN A 233 -24.97 23.26 16.34
N VAL A 234 -24.69 24.07 17.36
CA VAL A 234 -25.71 24.54 18.29
C VAL A 234 -26.82 25.30 17.53
N ASP A 235 -26.45 25.84 16.36
CA ASP A 235 -27.32 26.57 15.42
C ASP A 235 -27.46 25.67 14.19
N GLY A 236 -28.46 24.80 14.18
CA GLY A 236 -28.69 23.88 13.08
C GLY A 236 -28.68 24.49 11.69
N GLU A 237 -28.89 25.80 11.62
CA GLU A 237 -28.89 26.48 10.33
C GLU A 237 -27.46 26.72 9.90
N ALA A 238 -26.57 26.90 10.88
CA ALA A 238 -25.17 27.11 10.59
C ALA A 238 -24.61 25.80 10.06
N ALA A 239 -24.92 24.71 10.78
CA ALA A 239 -24.47 23.37 10.43
C ALA A 239 -24.79 23.06 8.97
N ARG A 240 -26.03 23.31 8.57
CA ARG A 240 -26.44 23.07 7.20
C ARG A 240 -25.64 23.95 6.22
N ALA A 241 -25.24 25.13 6.68
CA ALA A 241 -24.47 26.07 5.87
C ALA A 241 -23.09 25.53 5.62
N GLU A 242 -22.41 25.17 6.71
CA GLU A 242 -21.04 24.62 6.70
C GLU A 242 -20.94 23.33 5.88
N ALA A 243 -21.93 22.45 6.00
CA ALA A 243 -21.93 21.20 5.24
C ALA A 243 -22.24 21.46 3.77
N ARG A 244 -23.02 22.50 3.53
CA ARG A 244 -23.42 22.87 2.18
C ARG A 244 -22.20 23.13 1.32
N VAL A 245 -21.29 23.93 1.86
CA VAL A 245 -20.05 24.31 1.18
C VAL A 245 -19.07 23.13 1.02
N TYR A 246 -19.06 22.25 2.02
CA TYR A 246 -18.19 21.07 2.01
C TYR A 246 -18.55 20.24 0.77
N LEU A 247 -19.86 20.00 0.65
CA LEU A 247 -20.48 19.21 -0.41
C LEU A 247 -20.59 19.88 -1.77
N GLU A 248 -20.56 21.21 -1.75
CA GLU A 248 -20.69 22.07 -2.94
C GLU A 248 -20.16 21.45 -4.24
N GLU A 249 -18.87 21.13 -4.26
CA GLU A 249 -18.25 20.58 -5.44
C GLU A 249 -18.55 19.12 -5.70
N PHE A 250 -18.67 18.34 -4.65
CA PHE A 250 -18.98 16.93 -4.79
C PHE A 250 -20.26 16.69 -5.58
N VAL A 251 -21.29 17.48 -5.27
CA VAL A 251 -22.60 17.36 -5.93
C VAL A 251 -22.54 17.74 -7.42
N ARG A 252 -21.66 18.66 -7.78
CA ARG A 252 -21.52 19.06 -9.17
C ARG A 252 -20.71 18.04 -9.94
N GLU A 253 -19.66 17.49 -9.31
CA GLU A 253 -18.80 16.49 -9.96
C GLU A 253 -19.51 15.15 -10.18
N SER A 254 -20.06 14.57 -9.12
CA SER A 254 -20.73 13.29 -9.23
C SER A 254 -22.23 13.30 -9.61
N TYR A 255 -22.97 14.34 -9.20
CA TYR A 255 -24.42 14.45 -9.48
C TYR A 255 -24.70 15.63 -10.42
N SER A 256 -24.02 15.60 -11.56
CA SER A 256 -24.10 16.62 -12.61
C SER A 256 -25.45 16.86 -13.27
N ASN A 257 -26.29 15.82 -13.35
CA ASN A 257 -27.60 15.94 -13.97
C ASN A 257 -28.82 15.46 -13.17
N THR A 258 -28.98 16.00 -11.96
CA THR A 258 -30.12 15.66 -11.09
C THR A 258 -30.87 16.96 -10.87
N ASP A 259 -30.09 17.98 -10.55
CA ASP A 259 -30.50 19.35 -10.25
C ASP A 259 -29.79 19.65 -8.95
N PHE A 260 -28.86 20.58 -9.00
CA PHE A 260 -28.09 20.91 -7.83
C PHE A 260 -28.91 21.13 -6.55
N GLU A 261 -29.79 22.14 -6.54
CA GLU A 261 -30.59 22.48 -5.36
C GLU A 261 -31.36 21.35 -4.69
N GLN A 262 -31.89 20.44 -5.51
CA GLN A 262 -32.64 19.29 -5.03
C GLN A 262 -31.74 18.38 -4.21
N LYS A 263 -30.70 17.84 -4.84
CA LYS A 263 -29.77 16.92 -4.18
C LYS A 263 -29.11 17.51 -2.94
N MET A 264 -28.63 18.74 -3.05
CA MET A 264 -28.00 19.36 -1.90
C MET A 264 -29.03 19.44 -0.77
N GLY A 265 -30.28 19.72 -1.13
CA GLY A 265 -31.34 19.82 -0.15
C GLY A 265 -31.69 18.51 0.53
N GLU A 266 -31.52 17.42 -0.20
CA GLU A 266 -31.79 16.11 0.30
C GLU A 266 -30.61 15.57 1.15
N LEU A 267 -29.37 15.64 0.65
CA LEU A 267 -28.21 15.19 1.40
C LEU A 267 -28.16 15.87 2.75
N LEU A 268 -28.48 17.15 2.75
CA LEU A 268 -28.47 17.98 3.94
C LEU A 268 -29.48 17.67 5.02
N SER A 269 -30.65 17.20 4.64
CA SER A 269 -31.67 16.91 5.64
C SER A 269 -31.72 15.45 6.04
N GLU A 270 -31.26 14.58 5.16
CA GLU A 270 -31.27 13.17 5.43
C GLU A 270 -30.01 12.69 6.17
N ASN A 271 -28.92 13.47 6.14
CA ASN A 271 -27.68 13.11 6.86
C ASN A 271 -27.72 13.73 8.27
N ALA A 272 -26.95 13.20 9.22
CA ALA A 272 -26.98 13.72 10.60
C ALA A 272 -26.44 15.14 10.72
N ILE A 273 -27.11 16.07 10.05
CA ILE A 273 -26.71 17.48 10.05
C ILE A 273 -27.77 18.33 10.75
N GLY A 274 -27.31 19.25 11.60
CA GLY A 274 -28.21 20.17 12.30
C GLY A 274 -27.87 20.39 13.78
N THR A 275 -28.90 20.52 14.62
CA THR A 275 -28.67 20.67 16.06
C THR A 275 -28.54 19.25 16.56
N TYR A 276 -28.22 19.08 17.83
CA TYR A 276 -28.07 17.73 18.35
C TYR A 276 -29.29 16.88 18.07
N GLU A 277 -30.47 17.46 18.30
CA GLU A 277 -31.73 16.75 18.12
C GLU A 277 -32.05 16.37 16.67
N GLU A 278 -31.86 17.31 15.75
CA GLU A 278 -32.11 17.08 14.32
C GLU A 278 -31.14 16.03 13.78
N SER A 279 -29.86 16.23 14.08
CA SER A 279 -28.82 15.38 13.66
C SER A 279 -29.16 13.98 14.04
N THR A 280 -29.60 13.83 15.30
CA THR A 280 -29.90 12.51 15.94
C THR A 280 -31.11 11.83 15.37
N GLN A 281 -32.18 12.61 15.17
CA GLN A 281 -33.41 12.08 14.66
C GLN A 281 -33.11 11.51 13.29
N ALA A 282 -32.46 12.28 12.40
CA ALA A 282 -32.12 11.84 11.08
C ALA A 282 -31.37 10.53 11.02
N ALA A 283 -30.53 10.30 12.02
CA ALA A 283 -29.73 9.08 12.09
C ALA A 283 -30.63 7.88 12.25
N ARG A 284 -31.54 7.97 13.21
CA ARG A 284 -32.48 6.89 13.47
C ARG A 284 -33.29 6.56 12.23
N VAL A 285 -33.80 7.59 11.56
CA VAL A 285 -34.58 7.39 10.35
C VAL A 285 -33.80 6.59 9.31
N ALA A 286 -32.55 7.01 9.07
CA ALA A 286 -31.67 6.38 8.09
C ALA A 286 -31.40 4.93 8.41
N ILE A 287 -31.22 4.64 9.70
CA ILE A 287 -30.95 3.27 10.12
C ILE A 287 -32.20 2.40 10.01
N GLU A 288 -33.39 2.98 10.19
CA GLU A 288 -34.63 2.21 10.08
C GLU A 288 -34.93 1.83 8.64
N CYS A 289 -34.59 2.72 7.73
CA CYS A 289 -34.82 2.48 6.32
C CYS A 289 -33.98 1.35 5.70
N CYS A 290 -32.78 1.10 6.22
CA CYS A 290 -31.94 0.06 5.65
C CYS A 290 -31.61 -1.14 6.55
N GLY A 291 -31.85 -1.00 7.83
CA GLY A 291 -31.56 -2.12 8.70
C GLY A 291 -30.07 -2.40 8.83
N ALA A 292 -29.31 -1.30 8.89
CA ALA A 292 -27.87 -1.36 9.06
C ALA A 292 -27.65 -1.69 10.52
N ALA A 293 -26.64 -2.50 10.80
CA ALA A 293 -26.35 -2.89 12.17
C ALA A 293 -25.19 -2.11 12.71
N ASP A 294 -24.34 -1.60 11.82
CA ASP A 294 -23.15 -0.81 12.15
C ASP A 294 -23.22 0.59 11.56
N LEU A 295 -22.74 1.58 12.29
CA LEU A 295 -22.79 2.94 11.80
C LEU A 295 -21.41 3.61 11.72
N LEU A 296 -21.04 4.05 10.51
CA LEU A 296 -19.77 4.72 10.26
C LEU A 296 -20.08 6.20 10.01
N MET A 297 -19.48 7.09 10.80
CA MET A 297 -19.72 8.52 10.65
C MET A 297 -18.49 9.29 10.23
N SER A 298 -18.69 10.41 9.54
CA SER A 298 -17.63 11.32 9.09
C SER A 298 -17.90 12.65 9.71
N PHE A 299 -16.96 13.14 10.51
CA PHE A 299 -17.14 14.42 11.19
C PHE A 299 -16.29 15.51 10.52
N GLU A 300 -15.73 15.21 9.35
CA GLU A 300 -14.84 16.12 8.63
C GLU A 300 -15.35 17.45 8.14
N SER A 301 -16.66 17.62 8.02
CA SER A 301 -17.18 18.88 7.52
C SER A 301 -17.13 20.03 8.51
N MET A 302 -16.90 19.71 9.77
CA MET A 302 -16.81 20.72 10.82
C MET A 302 -15.37 21.21 10.85
N GLU A 303 -15.17 22.46 10.45
CA GLU A 303 -13.83 23.03 10.40
C GLU A 303 -13.12 23.28 11.73
N ASP A 304 -13.88 23.77 12.72
CA ASP A 304 -13.32 24.04 14.05
C ASP A 304 -12.90 22.74 14.75
N LYS A 305 -11.60 22.55 14.96
CA LYS A 305 -11.11 21.32 15.60
C LYS A 305 -11.65 21.11 17.01
N ALA A 306 -11.90 22.20 17.73
CA ALA A 306 -12.44 22.14 19.08
C ALA A 306 -13.84 21.56 19.05
N GLN A 307 -14.68 22.13 18.18
CA GLN A 307 -16.06 21.69 17.99
C GLN A 307 -16.09 20.22 17.53
N GLN A 308 -15.35 19.89 16.48
CA GLN A 308 -15.30 18.52 15.97
C GLN A 308 -15.00 17.51 17.07
N ARG A 309 -14.00 17.81 17.90
CA ARG A 309 -13.64 16.90 18.98
C ARG A 309 -14.75 16.83 20.03
N ALA A 310 -15.46 17.93 20.24
CA ALA A 310 -16.53 17.92 21.23
C ALA A 310 -17.61 16.95 20.77
N VAL A 311 -18.06 17.10 19.53
CA VAL A 311 -19.09 16.23 18.95
C VAL A 311 -18.64 14.76 18.96
N ILE A 312 -17.35 14.51 18.73
CA ILE A 312 -16.83 13.16 18.75
C ILE A 312 -16.94 12.59 20.15
N ASP A 313 -16.56 13.38 21.15
CA ASP A 313 -16.62 12.98 22.55
C ASP A 313 -18.03 12.63 23.06
N VAL A 314 -19.05 13.27 22.48
CA VAL A 314 -20.44 13.01 22.84
C VAL A 314 -20.89 11.67 22.26
N VAL A 315 -20.66 11.47 20.97
CA VAL A 315 -21.01 10.21 20.33
C VAL A 315 -20.37 9.10 21.15
N ASN A 316 -19.12 9.30 21.51
CA ASN A 316 -18.44 8.28 22.31
C ASN A 316 -19.10 8.08 23.68
N ALA A 317 -19.57 9.16 24.30
CA ALA A 317 -20.22 9.03 25.61
C ALA A 317 -21.51 8.23 25.46
N ASN A 318 -22.29 8.51 24.42
CA ASN A 318 -23.52 7.76 24.17
C ASN A 318 -23.22 6.29 23.93
N ILE A 319 -22.08 5.96 23.35
CA ILE A 319 -21.75 4.56 23.13
C ILE A 319 -21.51 3.85 24.46
N VAL A 320 -20.94 4.58 25.42
CA VAL A 320 -20.64 3.99 26.72
C VAL A 320 -21.86 3.81 27.62
N LYS A 321 -22.69 4.85 27.68
CA LYS A 321 -23.86 4.81 28.50
C LYS A 321 -24.87 3.84 27.96
N TYR A 322 -25.18 3.95 26.67
CA TYR A 322 -26.20 3.11 26.06
C TYR A 322 -25.87 1.89 25.23
N HIS A 323 -24.60 1.67 24.93
CA HIS A 323 -24.19 0.52 24.10
C HIS A 323 -23.08 -0.38 24.65
N SER A 324 -23.03 -0.55 25.96
CA SER A 324 -22.02 -1.40 26.61
C SER A 324 -22.58 -2.70 27.16
N MET B 1 30.04 7.32 6.59
CA MET B 1 29.25 6.23 5.94
C MET B 1 27.98 5.96 6.75
N LYS B 2 26.90 5.63 6.05
CA LYS B 2 25.63 5.36 6.69
C LYS B 2 25.24 3.88 6.56
N PHE B 3 24.56 3.37 7.58
CA PHE B 3 24.17 1.95 7.65
C PHE B 3 22.70 1.72 7.82
N GLY B 4 22.20 0.65 7.20
CA GLY B 4 20.78 0.34 7.26
C GLY B 4 20.53 -1.14 7.09
N LEU B 5 19.26 -1.52 7.10
CA LEU B 5 18.89 -2.91 6.99
C LEU B 5 17.94 -3.16 5.86
N PHE B 6 17.91 -4.36 5.34
CA PHE B 6 16.92 -4.70 4.33
C PHE B 6 16.34 -6.08 4.62
N PHE B 7 15.08 -6.30 4.22
CA PHE B 7 14.36 -7.55 4.47
C PHE B 7 14.05 -8.33 3.24
N LEU B 8 14.61 -9.52 3.13
CA LEU B 8 14.41 -10.38 1.98
C LEU B 8 13.12 -11.15 2.16
N ASN B 9 12.84 -11.55 3.40
CA ASN B 9 11.64 -12.31 3.70
C ASN B 9 11.46 -13.57 2.86
N PHE B 10 12.49 -14.42 2.86
CA PHE B 10 12.47 -15.70 2.17
C PHE B 10 11.77 -16.67 3.15
N MET B 11 11.06 -17.67 2.62
CA MET B 11 10.42 -18.69 3.46
C MET B 11 10.74 -20.10 2.93
N ASN B 12 10.43 -21.13 3.72
CA ASN B 12 10.64 -22.54 3.31
C ASN B 12 9.59 -23.47 3.95
N SER B 13 10.00 -24.63 4.46
CA SER B 13 9.08 -25.59 5.08
C SER B 13 9.15 -25.55 6.62
N LYS B 14 10.35 -25.33 7.16
CA LYS B 14 10.57 -25.24 8.61
C LYS B 14 10.33 -23.78 9.07
N ARG B 15 9.88 -22.95 8.10
CA ARG B 15 9.57 -21.53 8.30
C ARG B 15 8.35 -21.21 7.47
N SER B 16 7.39 -20.48 8.05
CA SER B 16 6.19 -20.10 7.32
C SER B 16 6.22 -18.61 7.03
N SER B 17 5.25 -18.15 6.24
CA SER B 17 5.16 -16.74 5.91
C SER B 17 4.66 -15.94 7.11
N ASP B 18 3.78 -16.54 7.92
CA ASP B 18 3.26 -15.86 9.11
C ASP B 18 4.47 -15.51 9.97
N GLN B 19 5.46 -16.38 9.92
CA GLN B 19 6.66 -16.22 10.70
C GLN B 19 7.64 -15.14 10.24
N VAL B 20 8.06 -15.18 8.98
CA VAL B 20 9.02 -14.16 8.53
C VAL B 20 8.51 -12.70 8.67
N ILE B 21 7.21 -12.47 8.49
CA ILE B 21 6.61 -11.14 8.62
C ILE B 21 6.66 -10.66 10.05
N GLU B 22 6.35 -11.57 10.95
CA GLU B 22 6.38 -11.27 12.37
C GLU B 22 7.81 -10.86 12.71
N GLU B 23 8.79 -11.56 12.15
CA GLU B 23 10.21 -11.31 12.40
C GLU B 23 10.78 -10.03 11.79
N MET B 24 10.18 -9.57 10.71
CA MET B 24 10.59 -8.34 10.08
C MET B 24 10.10 -7.21 10.97
N LEU B 25 8.86 -7.32 11.43
CA LEU B 25 8.27 -6.30 12.28
C LEU B 25 8.96 -6.19 13.64
N ASP B 26 9.45 -7.30 14.17
CA ASP B 26 10.14 -7.21 15.45
C ASP B 26 11.50 -6.59 15.27
N THR B 27 12.23 -7.05 14.26
CA THR B 27 13.54 -6.50 14.00
C THR B 27 13.45 -5.00 13.70
N ALA B 28 12.42 -4.60 12.95
CA ALA B 28 12.20 -3.20 12.58
C ALA B 28 12.06 -2.35 13.82
N HIS B 29 11.31 -2.88 14.79
CA HIS B 29 11.07 -2.20 16.05
C HIS B 29 12.29 -2.08 16.94
N TYR B 30 13.12 -3.13 16.98
CA TYR B 30 14.31 -3.08 17.81
C TYR B 30 15.29 -2.07 17.17
N VAL B 31 15.60 -2.29 15.91
CA VAL B 31 16.52 -1.46 15.15
C VAL B 31 16.16 0.05 15.02
N ASP B 32 14.87 0.37 15.07
CA ASP B 32 14.40 1.75 14.94
C ASP B 32 14.98 2.67 16.00
N GLN B 33 15.42 2.12 17.11
CA GLN B 33 15.99 2.99 18.14
C GLN B 33 17.51 2.95 18.17
N LEU B 34 18.12 2.15 17.30
CA LEU B 34 19.57 2.11 17.22
C LEU B 34 20.08 3.13 16.18
N LYS B 35 21.35 3.05 15.81
CA LYS B 35 21.92 4.02 14.86
C LYS B 35 21.78 3.71 13.38
N PHE B 36 20.86 2.81 13.04
CA PHE B 36 20.64 2.47 11.65
C PHE B 36 19.76 3.53 11.03
N ASP B 37 20.22 3.93 9.86
CA ASP B 37 19.65 4.96 9.05
C ASP B 37 18.39 4.62 8.26
N THR B 38 18.41 3.51 7.54
CA THR B 38 17.28 3.13 6.70
C THR B 38 16.83 1.68 6.83
N LEU B 39 15.54 1.42 6.60
CA LEU B 39 14.98 0.05 6.61
C LEU B 39 14.44 -0.14 5.21
N ALA B 40 14.84 -1.19 4.51
CA ALA B 40 14.39 -1.42 3.13
C ALA B 40 13.67 -2.75 2.84
N VAL B 41 12.64 -2.71 2.02
CA VAL B 41 11.83 -3.90 1.71
C VAL B 41 12.00 -4.40 0.27
N TYR B 42 12.32 -5.69 0.14
CA TYR B 42 12.52 -6.35 -1.16
C TYR B 42 11.20 -6.87 -1.69
N GLU B 43 11.03 -6.81 -3.02
CA GLU B 43 9.82 -7.29 -3.68
C GLU B 43 10.05 -8.51 -4.51
N ASN B 44 9.09 -9.43 -4.43
CA ASN B 44 9.11 -10.65 -5.24
C ASN B 44 7.69 -11.23 -5.36
N HIS B 45 7.48 -12.01 -6.42
CA HIS B 45 6.17 -12.59 -6.69
C HIS B 45 6.10 -14.08 -6.98
N PHE B 46 4.99 -14.68 -6.54
CA PHE B 46 4.65 -16.09 -6.74
C PHE B 46 5.81 -17.07 -6.54
N SER B 47 6.55 -16.89 -5.45
CA SER B 47 7.70 -17.74 -5.15
C SER B 47 8.02 -17.69 -3.66
N ASN B 48 8.79 -18.66 -3.18
CA ASN B 48 9.19 -18.77 -1.78
C ASN B 48 10.32 -17.78 -1.43
N ASN B 49 11.09 -17.46 -2.44
CA ASN B 49 12.21 -16.59 -2.26
C ASN B 49 11.80 -15.12 -2.27
N GLY B 50 10.84 -14.78 -1.44
CA GLY B 50 10.40 -13.41 -1.41
C GLY B 50 8.90 -13.38 -1.36
N VAL B 51 8.42 -13.18 -0.15
CA VAL B 51 7.03 -13.15 0.18
C VAL B 51 6.33 -11.80 0.02
N VAL B 52 7.08 -10.71 -0.10
CA VAL B 52 6.46 -9.39 -0.25
C VAL B 52 6.29 -8.99 -1.72
N GLY B 53 5.04 -8.89 -2.16
CA GLY B 53 4.77 -8.53 -3.54
C GLY B 53 4.45 -7.07 -3.68
N ALA B 54 4.22 -6.43 -2.53
CA ALA B 54 3.90 -5.02 -2.47
C ALA B 54 4.76 -4.25 -1.43
N PRO B 55 5.98 -3.82 -1.84
CA PRO B 55 6.80 -3.11 -0.85
C PRO B 55 6.22 -1.78 -0.41
N LEU B 56 5.41 -1.12 -1.21
CA LEU B 56 4.89 0.15 -0.72
C LEU B 56 3.79 -0.04 0.31
N THR B 57 3.11 -1.18 0.29
CA THR B 57 2.08 -1.44 1.28
C THR B 57 2.81 -1.70 2.61
N VAL B 58 3.86 -2.52 2.55
CA VAL B 58 4.66 -2.79 3.75
C VAL B 58 5.36 -1.54 4.31
N ALA B 59 5.94 -0.72 3.44
CA ALA B 59 6.62 0.51 3.85
C ALA B 59 5.66 1.41 4.63
N GLY B 60 4.39 1.42 4.27
CA GLY B 60 3.42 2.23 4.98
C GLY B 60 3.23 1.72 6.41
N PHE B 61 3.16 0.41 6.57
CA PHE B 61 2.99 -0.12 7.89
C PHE B 61 4.22 0.28 8.70
N LEU B 62 5.41 -0.08 8.21
CA LEU B 62 6.69 0.22 8.88
C LEU B 62 6.85 1.69 9.23
N LEU B 63 6.42 2.58 8.34
CA LEU B 63 6.54 3.99 8.63
C LEU B 63 5.59 4.41 9.76
N GLY B 64 4.44 3.76 9.89
CA GLY B 64 3.51 4.14 10.93
C GLY B 64 3.89 3.66 12.32
N MET B 65 4.68 2.59 12.39
CA MET B 65 5.08 2.07 13.69
C MET B 65 6.52 2.46 14.11
N THR B 66 7.27 3.07 13.21
CA THR B 66 8.63 3.51 13.53
C THR B 66 8.64 5.02 13.66
N LYS B 67 9.66 5.56 14.31
CA LYS B 67 9.74 7.00 14.48
C LYS B 67 11.02 7.65 13.98
N ASN B 68 12.11 6.87 13.93
CA ASN B 68 13.41 7.40 13.56
C ASN B 68 14.00 7.01 12.23
N ALA B 69 13.81 5.77 11.82
CA ALA B 69 14.39 5.33 10.56
C ALA B 69 13.61 5.74 9.31
N LYS B 70 14.29 5.81 8.18
CA LYS B 70 13.62 6.10 6.91
C LYS B 70 13.25 4.72 6.41
N VAL B 71 12.16 4.62 5.68
CA VAL B 71 11.75 3.32 5.16
C VAL B 71 11.72 3.44 3.66
N ALA B 72 12.25 2.44 2.95
CA ALA B 72 12.30 2.49 1.50
C ALA B 72 11.91 1.19 0.85
N SER B 73 11.47 1.27 -0.41
CA SER B 73 11.18 0.10 -1.20
C SER B 73 12.57 -0.09 -1.78
N LEU B 74 13.11 -1.30 -1.74
CA LEU B 74 14.43 -1.54 -2.29
C LEU B 74 14.44 -1.75 -3.82
N ASN B 75 13.37 -2.34 -4.37
CA ASN B 75 13.31 -2.66 -5.79
C ASN B 75 11.92 -2.75 -6.39
N HIS B 76 11.09 -1.76 -6.14
CA HIS B 76 9.76 -1.82 -6.67
C HIS B 76 9.81 -1.84 -8.18
N VAL B 77 9.32 -2.92 -8.78
CA VAL B 77 9.29 -3.08 -10.26
C VAL B 77 8.20 -2.18 -10.85
N ILE B 78 8.59 -1.11 -11.49
CA ILE B 78 7.60 -0.19 -12.00
C ILE B 78 7.09 -0.52 -13.38
N THR B 79 7.86 -1.28 -14.14
CA THR B 79 7.51 -1.60 -15.51
C THR B 79 6.18 -2.26 -15.68
N THR B 80 5.83 -3.11 -14.70
CA THR B 80 4.58 -3.84 -14.73
C THR B 80 3.41 -3.18 -14.03
N HIS B 81 3.51 -1.88 -13.79
CA HIS B 81 2.47 -1.12 -13.11
C HIS B 81 2.07 0.11 -13.91
N HIS B 82 0.91 0.66 -13.56
CA HIS B 82 0.47 1.89 -14.20
C HIS B 82 1.20 2.97 -13.39
N PRO B 83 1.95 3.84 -14.08
CA PRO B 83 2.69 4.91 -13.40
C PRO B 83 1.90 5.88 -12.57
N VAL B 84 0.65 6.09 -12.92
CA VAL B 84 -0.18 7.01 -12.17
C VAL B 84 -0.50 6.40 -10.82
N ARG B 85 -0.65 5.08 -10.78
CA ARG B 85 -0.92 4.40 -9.51
C ARG B 85 0.27 4.48 -8.55
N VAL B 86 1.48 4.25 -9.07
CA VAL B 86 2.70 4.31 -8.27
C VAL B 86 2.96 5.71 -7.73
N ALA B 87 2.78 6.73 -8.55
CA ALA B 87 2.99 8.11 -8.14
C ALA B 87 1.98 8.42 -7.03
N GLU B 88 0.76 7.92 -7.16
CA GLU B 88 -0.25 8.17 -6.14
C GLU B 88 0.14 7.55 -4.83
N GLU B 89 0.69 6.34 -4.90
CA GLU B 89 1.10 5.63 -3.70
C GLU B 89 2.27 6.30 -3.02
N ALA B 90 3.32 6.54 -3.80
CA ALA B 90 4.53 7.14 -3.27
C ALA B 90 4.25 8.49 -2.66
N CYS B 91 3.41 9.30 -3.29
CA CYS B 91 3.11 10.63 -2.75
C CYS B 91 2.37 10.54 -1.44
N LEU B 92 1.60 9.48 -1.27
CA LEU B 92 0.84 9.29 -0.03
C LEU B 92 1.83 8.99 1.09
N LEU B 93 2.77 8.11 0.82
CA LEU B 93 3.75 7.76 1.82
C LEU B 93 4.57 8.97 2.24
N ASP B 94 4.88 9.81 1.27
CA ASP B 94 5.68 11.01 1.47
C ASP B 94 4.92 12.00 2.37
N GLN B 95 3.62 12.15 2.12
CA GLN B 95 2.82 13.06 2.92
C GLN B 95 2.60 12.52 4.33
N MET B 96 2.08 11.30 4.42
CA MET B 96 1.80 10.73 5.72
C MET B 96 3.02 10.68 6.63
N SER B 97 4.18 10.30 6.10
CA SER B 97 5.39 10.19 6.93
C SER B 97 6.20 11.47 7.06
N GLU B 98 5.75 12.52 6.39
CA GLU B 98 6.45 13.77 6.43
C GLU B 98 7.89 13.63 5.93
N GLY B 99 8.03 13.00 4.77
CA GLY B 99 9.33 12.87 4.13
C GLY B 99 10.28 11.78 4.54
N ARG B 100 9.81 10.76 5.27
CA ARG B 100 10.65 9.66 5.72
C ARG B 100 10.72 8.47 4.77
N PHE B 101 10.01 8.55 3.64
CA PHE B 101 9.98 7.48 2.65
C PHE B 101 10.98 7.72 1.53
N ALA B 102 11.68 6.67 1.11
CA ALA B 102 12.65 6.75 0.01
C ALA B 102 12.26 5.71 -1.06
N PHE B 103 12.19 6.16 -2.31
CA PHE B 103 11.77 5.34 -3.44
C PHE B 103 12.81 4.58 -4.23
N GLY B 104 13.11 3.37 -3.80
CA GLY B 104 14.07 2.57 -4.55
C GLY B 104 13.24 1.82 -5.56
N PHE B 105 13.61 1.93 -6.83
CA PHE B 105 12.86 1.24 -7.86
C PHE B 105 13.70 0.39 -8.77
N SER B 106 12.98 -0.30 -9.64
CA SER B 106 13.66 -1.23 -10.50
C SER B 106 12.92 -1.57 -11.75
N ASP B 107 13.69 -2.16 -12.65
CA ASP B 107 13.29 -2.65 -13.96
C ASP B 107 12.75 -4.09 -13.81
N CYS B 108 12.09 -4.60 -14.85
CA CYS B 108 11.55 -5.95 -14.82
C CYS B 108 12.54 -6.92 -15.42
N GLU B 109 13.12 -7.75 -14.58
CA GLU B 109 14.10 -8.75 -14.99
C GLU B 109 13.55 -10.03 -15.69
N LYS B 110 12.37 -10.51 -15.27
CA LYS B 110 11.78 -11.72 -15.86
C LYS B 110 10.76 -11.50 -16.96
N SER B 111 11.02 -12.10 -18.12
CA SER B 111 10.12 -11.99 -19.26
C SER B 111 8.76 -12.63 -18.95
N ALA B 112 8.77 -13.60 -18.05
CA ALA B 112 7.57 -14.31 -17.63
C ALA B 112 6.61 -13.38 -16.89
N ASP B 113 7.17 -12.44 -16.15
CA ASP B 113 6.36 -11.48 -15.41
C ASP B 113 5.80 -10.46 -16.37
N MET B 114 6.51 -10.16 -17.44
CA MET B 114 6.01 -9.23 -18.43
C MET B 114 4.72 -9.80 -19.06
N ARG B 115 4.77 -11.05 -19.51
CA ARG B 115 3.58 -11.70 -20.12
C ARG B 115 2.43 -11.78 -19.15
N PHE B 116 2.76 -12.14 -17.91
CA PHE B 116 1.76 -12.28 -16.87
C PHE B 116 0.96 -11.02 -16.71
N PHE B 117 1.60 -9.87 -16.81
CA PHE B 117 0.93 -8.57 -16.66
C PHE B 117 0.56 -7.83 -17.94
N ASN B 118 0.64 -8.51 -19.08
CA ASN B 118 0.29 -7.95 -20.40
C ASN B 118 1.10 -6.77 -20.92
N ARG B 119 2.37 -6.77 -20.58
CA ARG B 119 3.25 -5.74 -21.04
C ARG B 119 4.01 -6.37 -22.22
N PRO B 120 4.40 -5.55 -23.20
CA PRO B 120 5.13 -6.02 -24.37
C PRO B 120 6.60 -6.31 -24.04
N THR B 121 6.90 -7.60 -23.97
CA THR B 121 8.23 -8.13 -23.63
C THR B 121 9.48 -7.51 -24.25
N ASP B 122 9.46 -7.35 -25.57
CA ASP B 122 10.60 -6.82 -26.29
C ASP B 122 10.82 -5.32 -26.08
N SER B 123 9.77 -4.60 -25.67
CA SER B 123 9.82 -3.15 -25.42
C SER B 123 10.13 -2.84 -23.94
N GLN B 124 10.43 -3.89 -23.17
CA GLN B 124 10.73 -3.81 -21.75
C GLN B 124 11.40 -2.49 -21.33
N PHE B 125 12.60 -2.23 -21.84
CA PHE B 125 13.30 -1.03 -21.45
C PHE B 125 12.67 0.30 -21.88
N GLN B 126 11.96 0.33 -23.00
CA GLN B 126 11.35 1.59 -23.42
C GLN B 126 10.16 1.89 -22.54
N LEU B 127 9.40 0.85 -22.20
CA LEU B 127 8.23 0.96 -21.33
C LEU B 127 8.65 1.44 -19.94
N PHE B 128 9.82 0.96 -19.49
CA PHE B 128 10.41 1.31 -18.21
C PHE B 128 10.71 2.79 -18.12
N SER B 129 11.37 3.37 -19.12
CA SER B 129 11.67 4.79 -19.00
C SER B 129 10.50 5.71 -19.25
N GLU B 130 9.44 5.21 -19.88
CA GLU B 130 8.30 6.08 -20.10
C GLU B 130 7.50 6.13 -18.82
N CYS B 131 7.42 4.98 -18.13
CA CYS B 131 6.71 4.90 -16.85
C CYS B 131 7.40 5.89 -15.92
N HIS B 132 8.71 5.80 -15.85
CA HIS B 132 9.47 6.68 -15.00
C HIS B 132 9.31 8.17 -15.29
N LYS B 133 9.22 8.58 -16.55
CA LYS B 133 9.07 10.00 -16.84
C LYS B 133 7.70 10.46 -16.36
N ILE B 134 6.74 9.55 -16.33
CA ILE B 134 5.40 9.92 -15.88
C ILE B 134 5.37 10.09 -14.37
N ILE B 135 6.04 9.20 -13.65
CA ILE B 135 6.13 9.29 -12.20
C ILE B 135 6.92 10.55 -11.77
N ASN B 136 8.06 10.81 -12.42
CA ASN B 136 8.85 11.99 -12.07
C ASN B 136 8.10 13.28 -12.39
N ASP B 137 7.30 13.26 -13.44
CA ASP B 137 6.51 14.43 -13.80
C ASP B 137 5.58 14.71 -12.65
N ALA B 138 4.86 13.69 -12.19
CA ALA B 138 3.94 13.84 -11.08
C ALA B 138 4.68 14.33 -9.82
N PHE B 139 5.84 13.76 -9.56
CA PHE B 139 6.60 14.18 -8.39
C PHE B 139 6.92 15.64 -8.47
N THR B 140 7.55 16.04 -9.57
CA THR B 140 7.97 17.43 -9.73
C THR B 140 6.91 18.52 -10.03
N THR B 141 5.82 18.18 -10.72
CA THR B 141 4.80 19.20 -11.02
C THR B 141 3.41 18.95 -10.44
N GLY B 142 3.07 17.70 -10.17
CA GLY B 142 1.76 17.38 -9.62
C GLY B 142 0.74 17.01 -10.68
N TYR B 143 1.14 17.11 -11.95
CA TYR B 143 0.27 16.77 -13.06
C TYR B 143 1.09 15.89 -13.96
N CYS B 144 0.42 15.13 -14.81
CA CYS B 144 1.13 14.37 -15.80
C CYS B 144 0.28 14.36 -17.06
N HIS B 145 0.95 14.35 -18.20
CA HIS B 145 0.25 14.42 -19.46
C HIS B 145 1.04 13.69 -20.53
N PRO B 146 1.01 12.36 -20.54
CA PRO B 146 1.78 11.64 -21.55
C PRO B 146 1.15 11.59 -22.93
N ASN B 147 2.04 11.49 -23.92
CA ASN B 147 1.70 11.39 -25.32
C ASN B 147 2.81 10.56 -25.99
N ASN B 148 2.70 9.25 -25.87
CA ASN B 148 3.67 8.35 -26.45
C ASN B 148 3.01 7.03 -26.86
N ASP B 149 3.81 6.06 -27.27
CA ASP B 149 3.29 4.77 -27.73
C ASP B 149 2.58 3.96 -26.65
N PHE B 150 2.97 4.15 -25.41
CA PHE B 150 2.40 3.37 -24.31
C PHE B 150 1.21 3.98 -23.62
N TYR B 151 1.31 5.27 -23.32
CA TYR B 151 0.26 6.00 -22.62
C TYR B 151 -0.08 7.32 -23.26
N SER B 152 -1.38 7.55 -23.40
CA SER B 152 -1.90 8.80 -23.95
C SER B 152 -3.28 9.12 -23.39
N PHE B 153 -3.34 10.16 -22.57
CA PHE B 153 -4.57 10.59 -21.97
C PHE B 153 -4.38 12.07 -21.72
N PRO B 154 -5.48 12.82 -21.54
CA PRO B 154 -5.34 14.26 -21.31
C PRO B 154 -4.68 14.54 -19.95
N LYS B 155 -4.39 15.82 -19.68
CA LYS B 155 -3.75 16.25 -18.43
C LYS B 155 -4.62 16.03 -17.20
N ILE B 156 -4.04 15.38 -16.19
CA ILE B 156 -4.71 15.08 -14.92
C ILE B 156 -3.84 15.54 -13.76
N SER B 157 -4.51 15.81 -12.64
CA SER B 157 -3.83 16.19 -11.41
C SER B 157 -3.65 14.88 -10.66
N VAL B 158 -2.45 14.65 -10.14
CA VAL B 158 -2.20 13.42 -9.37
C VAL B 158 -2.14 13.79 -7.88
N ASN B 159 -3.23 13.53 -7.15
CA ASN B 159 -3.31 13.83 -5.72
C ASN B 159 -2.89 12.66 -4.79
N PRO B 160 -2.24 12.97 -3.66
CA PRO B 160 -1.89 14.32 -3.20
C PRO B 160 -0.54 14.73 -3.79
N HIS B 161 -0.26 16.03 -3.78
CA HIS B 161 1.00 16.54 -4.31
C HIS B 161 2.09 16.11 -3.37
N ALA B 162 3.32 16.00 -3.88
CA ALA B 162 4.42 15.54 -3.05
C ALA B 162 4.64 16.42 -1.83
N PHE B 163 5.14 15.84 -0.74
CA PHE B 163 5.43 16.61 0.44
C PHE B 163 6.86 17.17 0.29
N THR B 164 7.81 16.31 -0.07
CA THR B 164 9.21 16.68 -0.28
C THR B 164 9.34 17.37 -1.64
N GLU B 165 10.07 18.49 -1.71
CA GLU B 165 10.24 19.20 -2.99
C GLU B 165 10.93 18.29 -3.99
N GLY B 166 10.22 17.98 -5.06
CA GLY B 166 10.79 17.08 -6.05
C GLY B 166 10.43 15.61 -5.84
N GLY B 167 9.48 15.32 -4.93
CA GLY B 167 9.09 13.95 -4.67
C GLY B 167 10.10 13.30 -3.77
N PRO B 168 9.79 12.14 -3.21
CA PRO B 168 10.72 11.44 -2.32
C PRO B 168 12.03 11.10 -3.01
N ALA B 169 13.10 10.87 -2.24
CA ALA B 169 14.39 10.52 -2.84
C ALA B 169 14.33 9.20 -3.61
N GLN B 170 14.98 9.13 -4.77
CA GLN B 170 14.97 7.94 -5.63
C GLN B 170 16.32 7.28 -5.82
N PHE B 171 16.30 5.99 -6.15
CA PHE B 171 17.51 5.25 -6.47
C PHE B 171 17.09 4.05 -7.25
N VAL B 172 17.99 3.53 -8.06
CA VAL B 172 17.65 2.42 -8.93
C VAL B 172 18.59 1.24 -8.86
N ASN B 173 18.02 0.04 -9.04
CA ASN B 173 18.78 -1.21 -9.02
C ASN B 173 19.65 -1.39 -10.24
N ALA B 174 20.91 -1.72 -10.00
CA ALA B 174 21.85 -1.96 -11.07
C ALA B 174 21.65 -3.40 -11.51
N THR B 175 20.67 -3.61 -12.38
CA THR B 175 20.35 -4.95 -12.89
C THR B 175 20.86 -5.27 -14.31
N SER B 176 21.24 -4.23 -15.06
CA SER B 176 21.77 -4.35 -16.42
C SER B 176 22.62 -3.16 -16.84
N LYS B 177 23.38 -3.29 -17.92
CA LYS B 177 24.20 -2.18 -18.39
C LYS B 177 23.29 -1.07 -18.87
N GLU B 178 22.17 -1.47 -19.47
CA GLU B 178 21.19 -0.53 -20.01
C GLU B 178 20.69 0.44 -18.95
N VAL B 179 20.27 -0.12 -17.81
CA VAL B 179 19.74 0.67 -16.71
C VAL B 179 20.78 1.57 -16.08
N VAL B 180 22.01 1.05 -15.94
CA VAL B 180 23.13 1.77 -15.32
C VAL B 180 23.50 3.01 -16.10
N GLU B 181 23.48 2.89 -17.42
CA GLU B 181 23.80 3.99 -18.31
C GLU B 181 22.68 4.99 -18.27
N TRP B 182 21.46 4.47 -18.22
CA TRP B 182 20.29 5.31 -18.17
C TRP B 182 20.34 6.12 -16.90
N ALA B 183 20.66 5.45 -15.79
CA ALA B 183 20.72 6.09 -14.50
C ALA B 183 21.81 7.13 -14.49
N ALA B 184 22.96 6.80 -15.09
CA ALA B 184 24.09 7.73 -15.15
C ALA B 184 23.77 9.02 -15.88
N LYS B 185 23.03 8.94 -16.99
CA LYS B 185 22.65 10.12 -17.76
C LYS B 185 21.69 11.04 -17.01
N LEU B 186 21.03 10.49 -15.97
CA LEU B 186 20.05 11.21 -15.14
C LEU B 186 20.55 11.68 -13.77
N GLY B 187 21.71 11.17 -13.37
CA GLY B 187 22.29 11.56 -12.10
C GLY B 187 21.62 10.85 -10.93
N LEU B 188 21.18 9.60 -11.17
CA LEU B 188 20.54 8.82 -10.13
C LEU B 188 21.50 7.87 -9.48
N PRO B 189 21.42 7.73 -8.16
CA PRO B 189 22.29 6.83 -7.42
C PRO B 189 21.81 5.39 -7.60
N LEU B 190 22.76 4.48 -7.60
CA LEU B 190 22.44 3.07 -7.79
C LEU B 190 22.43 2.30 -6.50
N VAL B 191 21.81 1.14 -6.58
CA VAL B 191 21.85 0.22 -5.46
C VAL B 191 22.45 -1.04 -6.12
N PHE B 192 23.64 -1.43 -5.65
CA PHE B 192 24.34 -2.61 -6.17
C PHE B 192 23.80 -3.80 -5.43
N ARG B 193 23.50 -4.87 -6.17
CA ARG B 193 22.91 -6.08 -5.58
C ARG B 193 23.84 -7.05 -4.85
N TRP B 194 23.34 -7.62 -3.74
CA TRP B 194 24.13 -8.55 -2.96
C TRP B 194 24.42 -9.82 -3.75
N ASP B 195 23.56 -10.11 -4.71
CA ASP B 195 23.71 -11.32 -5.49
C ASP B 195 24.51 -11.26 -6.76
N ASP B 196 25.28 -10.18 -6.94
CA ASP B 196 26.14 -10.03 -8.11
C ASP B 196 27.56 -10.22 -7.61
N SER B 197 28.47 -10.55 -8.52
CA SER B 197 29.87 -10.72 -8.13
C SER B 197 30.52 -9.34 -7.98
N ASN B 198 31.69 -9.29 -7.35
CA ASN B 198 32.40 -8.02 -7.18
C ASN B 198 32.82 -7.50 -8.57
N ALA B 199 33.23 -8.41 -9.46
CA ALA B 199 33.67 -8.05 -10.80
C ALA B 199 32.57 -7.33 -11.56
N GLN B 200 31.35 -7.82 -11.37
CA GLN B 200 30.16 -7.26 -12.00
C GLN B 200 29.81 -5.92 -11.38
N ARG B 201 29.78 -5.84 -10.06
CA ARG B 201 29.48 -4.57 -9.39
C ARG B 201 30.54 -3.56 -9.78
N LYS B 202 31.77 -4.02 -9.98
CA LYS B 202 32.87 -3.15 -10.37
C LYS B 202 32.65 -2.64 -11.76
N GLU B 203 32.20 -3.53 -12.63
CA GLU B 203 31.94 -3.16 -14.00
C GLU B 203 30.84 -2.13 -14.03
N TYR B 204 29.81 -2.30 -13.22
CA TYR B 204 28.72 -1.34 -13.21
C TYR B 204 29.17 0.01 -12.69
N ALA B 205 30.03 0.03 -11.69
CA ALA B 205 30.48 1.29 -11.10
C ALA B 205 31.31 2.10 -12.07
N GLY B 206 32.11 1.42 -12.90
CA GLY B 206 32.95 2.08 -13.87
C GLY B 206 32.14 2.64 -15.02
N LEU B 207 31.23 1.85 -15.56
CA LEU B 207 30.36 2.26 -16.65
C LEU B 207 29.57 3.49 -16.26
N TYR B 208 29.06 3.49 -15.03
CA TYR B 208 28.26 4.62 -14.52
C TYR B 208 29.11 5.88 -14.53
N HIS B 209 30.31 5.73 -14.04
CA HIS B 209 31.23 6.83 -13.96
C HIS B 209 31.57 7.38 -15.37
N GLU B 210 31.79 6.50 -16.34
CA GLU B 210 32.12 6.91 -17.72
C GLU B 210 30.98 7.72 -18.34
N VAL B 211 29.79 7.13 -18.37
CA VAL B 211 28.62 7.77 -18.95
C VAL B 211 28.34 9.08 -18.26
N ALA B 212 28.53 9.13 -16.94
CA ALA B 212 28.30 10.36 -16.20
C ALA B 212 29.28 11.44 -16.63
N GLN B 213 30.57 11.09 -16.67
CA GLN B 213 31.64 12.02 -17.07
C GLN B 213 31.36 12.61 -18.46
N ALA B 214 31.02 11.74 -19.41
CA ALA B 214 30.75 12.14 -20.79
C ALA B 214 29.52 13.03 -21.03
N HIS B 215 28.44 12.88 -20.26
CA HIS B 215 27.27 13.73 -20.49
C HIS B 215 27.30 15.00 -19.65
N GLY B 216 28.46 15.25 -19.05
CA GLY B 216 28.65 16.42 -18.23
C GLY B 216 27.77 16.45 -17.01
N VAL B 217 27.47 15.26 -16.49
CA VAL B 217 26.65 15.17 -15.30
C VAL B 217 27.52 15.23 -14.05
N ASP B 218 27.06 16.03 -13.09
CA ASP B 218 27.77 16.20 -11.85
C ASP B 218 27.32 15.16 -10.81
N VAL B 219 28.11 14.09 -10.70
CA VAL B 219 27.81 13.01 -9.77
C VAL B 219 28.69 13.07 -8.53
N SER B 220 28.90 14.28 -8.03
CA SER B 220 29.74 14.44 -6.84
C SER B 220 28.95 14.22 -5.53
N GLN B 221 27.70 14.68 -5.45
CA GLN B 221 26.88 14.48 -4.24
C GLN B 221 25.93 13.24 -4.31
N VAL B 222 26.32 12.26 -5.13
CA VAL B 222 25.57 11.02 -5.37
C VAL B 222 26.16 9.86 -4.59
N ARG B 223 25.37 9.36 -3.64
CA ARG B 223 25.75 8.26 -2.77
C ARG B 223 25.11 6.95 -3.23
N HIS B 224 25.90 6.02 -3.75
CA HIS B 224 25.38 4.73 -4.19
C HIS B 224 25.20 3.84 -2.98
N LYS B 225 24.26 2.89 -3.07
CA LYS B 225 24.00 1.95 -1.96
C LYS B 225 24.52 0.59 -2.34
N LEU B 226 24.90 -0.21 -1.34
CA LEU B 226 25.37 -1.58 -1.54
C LEU B 226 24.60 -2.47 -0.60
N THR B 227 24.10 -3.59 -1.09
CA THR B 227 23.40 -4.52 -0.22
C THR B 227 24.29 -5.74 -0.03
N LEU B 228 24.37 -6.21 1.21
CA LEU B 228 25.18 -7.38 1.55
C LEU B 228 24.47 -8.32 2.55
N LEU B 229 24.78 -9.61 2.48
CA LEU B 229 24.21 -10.53 3.43
C LEU B 229 25.20 -10.70 4.56
N VAL B 230 24.71 -10.68 5.80
CA VAL B 230 25.57 -10.85 6.94
C VAL B 230 25.19 -12.07 7.77
N ASN B 231 26.17 -12.95 7.99
CA ASN B 231 26.02 -14.15 8.81
C ASN B 231 27.35 -14.34 9.54
N GLN B 232 27.40 -13.93 10.81
CA GLN B 232 28.61 -14.05 11.63
C GLN B 232 28.45 -15.13 12.67
N ASN B 233 29.48 -15.94 12.82
CA ASN B 233 29.45 -17.00 13.80
C ASN B 233 30.88 -17.26 14.19
N VAL B 234 31.09 -17.52 15.48
CA VAL B 234 32.41 -17.79 16.03
C VAL B 234 33.10 -18.89 15.21
N ASP B 235 32.30 -19.74 14.57
CA ASP B 235 32.80 -20.83 13.73
C ASP B 235 32.49 -20.50 12.29
N GLY B 236 33.54 -20.20 11.53
CA GLY B 236 33.38 -19.87 10.13
C GLY B 236 32.73 -20.87 9.19
N GLU B 237 32.71 -22.15 9.55
CA GLU B 237 32.10 -23.15 8.68
C GLU B 237 30.60 -23.24 9.00
N ALA B 238 30.25 -22.91 10.23
CA ALA B 238 28.88 -22.93 10.67
C ALA B 238 28.07 -21.87 9.93
N ALA B 239 28.61 -20.65 9.90
CA ALA B 239 27.99 -19.52 9.22
C ALA B 239 27.79 -19.79 7.72
N ARG B 240 28.83 -20.29 7.07
CA ARG B 240 28.74 -20.62 5.63
C ARG B 240 27.74 -21.74 5.29
N ALA B 241 27.56 -22.67 6.22
CA ALA B 241 26.63 -23.78 6.03
C ALA B 241 25.18 -23.31 6.24
N GLU B 242 24.95 -22.45 7.24
CA GLU B 242 23.61 -21.92 7.56
C GLU B 242 23.13 -21.05 6.39
N ALA B 243 24.03 -20.20 5.89
CA ALA B 243 23.71 -19.32 4.79
C ALA B 243 23.45 -20.13 3.55
N ARG B 244 24.15 -21.24 3.42
CA ARG B 244 24.01 -22.12 2.24
C ARG B 244 22.61 -22.70 2.05
N VAL B 245 21.96 -22.96 3.17
CA VAL B 245 20.60 -23.49 3.23
C VAL B 245 19.63 -22.37 2.89
N TYR B 246 19.92 -21.19 3.41
CA TYR B 246 19.08 -20.03 3.18
C TYR B 246 19.05 -19.76 1.67
N LEU B 247 20.21 -19.84 1.05
CA LEU B 247 20.38 -19.54 -0.35
C LEU B 247 20.06 -20.57 -1.38
N GLU B 248 20.32 -21.83 -1.05
CA GLU B 248 20.13 -22.97 -1.96
C GLU B 248 18.96 -22.82 -2.94
N GLU B 249 17.78 -22.59 -2.41
CA GLU B 249 16.62 -22.47 -3.26
C GLU B 249 16.71 -21.25 -4.20
N PHE B 250 17.15 -20.13 -3.66
CA PHE B 250 17.30 -18.92 -4.46
C PHE B 250 18.24 -19.18 -5.65
N VAL B 251 19.41 -19.75 -5.37
CA VAL B 251 20.37 -20.03 -6.42
C VAL B 251 19.83 -20.92 -7.56
N ARG B 252 18.92 -21.85 -7.25
CA ARG B 252 18.37 -22.72 -8.28
C ARG B 252 17.26 -22.08 -9.09
N GLU B 253 16.43 -21.29 -8.42
CA GLU B 253 15.33 -20.61 -9.09
C GLU B 253 15.87 -19.53 -10.02
N SER B 254 16.80 -18.73 -9.50
CA SER B 254 17.35 -17.62 -10.25
C SER B 254 18.55 -17.92 -11.12
N TYR B 255 19.66 -18.32 -10.52
CA TYR B 255 20.86 -18.59 -11.28
C TYR B 255 20.93 -20.01 -11.79
N SER B 256 19.74 -20.59 -12.07
CA SER B 256 19.60 -21.97 -12.57
C SER B 256 20.86 -22.81 -12.26
N ASN B 257 21.43 -23.43 -13.28
CA ASN B 257 22.68 -24.14 -13.10
C ASN B 257 23.59 -23.36 -14.04
N THR B 258 24.15 -22.28 -13.50
CA THR B 258 25.17 -21.51 -14.22
C THR B 258 26.29 -22.04 -13.31
N ASP B 259 26.14 -23.35 -13.04
CA ASP B 259 26.95 -24.15 -12.17
C ASP B 259 26.52 -23.65 -10.80
N PHE B 260 25.45 -24.25 -10.31
CA PHE B 260 24.91 -23.92 -9.02
C PHE B 260 26.02 -23.85 -7.96
N GLU B 261 27.03 -24.71 -8.06
CA GLU B 261 28.15 -24.74 -7.10
C GLU B 261 29.17 -23.59 -7.19
N GLN B 262 29.29 -22.96 -8.37
CA GLN B 262 30.24 -21.85 -8.56
C GLN B 262 29.60 -20.59 -8.04
N LYS B 263 28.31 -20.43 -8.33
CA LYS B 263 27.59 -19.26 -7.89
C LYS B 263 27.53 -19.32 -6.37
N MET B 264 27.16 -20.46 -5.81
CA MET B 264 27.07 -20.60 -4.36
C MET B 264 28.39 -20.27 -3.65
N GLY B 265 29.50 -20.77 -4.17
CA GLY B 265 30.80 -20.51 -3.56
C GLY B 265 31.07 -19.02 -3.49
N GLU B 266 30.79 -18.36 -4.60
CA GLU B 266 30.95 -16.92 -4.74
C GLU B 266 30.08 -16.12 -3.76
N LEU B 267 28.79 -16.39 -3.73
CA LEU B 267 27.90 -15.70 -2.82
C LEU B 267 28.38 -15.84 -1.39
N LEU B 268 28.82 -17.03 -1.03
CA LEU B 268 29.26 -17.26 0.33
C LEU B 268 30.63 -16.66 0.65
N SER B 269 31.45 -16.45 -0.37
CA SER B 269 32.76 -15.89 -0.08
C SER B 269 32.79 -14.38 -0.25
N GLU B 270 31.91 -13.86 -1.11
CA GLU B 270 31.84 -12.43 -1.37
C GLU B 270 30.99 -11.60 -0.44
N ASN B 271 29.94 -12.19 0.14
CA ASN B 271 29.09 -11.51 1.11
C ASN B 271 29.76 -11.51 2.46
N ALA B 272 29.22 -10.76 3.41
CA ALA B 272 29.85 -10.71 4.71
C ALA B 272 29.48 -11.93 5.52
N ILE B 273 30.01 -13.06 5.10
CA ILE B 273 29.72 -14.32 5.76
C ILE B 273 30.97 -15.04 6.28
N GLY B 274 30.92 -15.44 7.56
CA GLY B 274 32.02 -16.14 8.20
C GLY B 274 32.22 -15.78 9.66
N THR B 275 33.46 -15.85 10.15
CA THR B 275 33.75 -15.45 11.52
C THR B 275 33.69 -13.94 11.47
N TYR B 276 33.79 -13.26 12.58
CA TYR B 276 33.77 -11.80 12.53
C TYR B 276 34.78 -11.13 11.57
N GLU B 277 35.95 -11.72 11.49
CA GLU B 277 37.07 -11.19 10.73
C GLU B 277 36.85 -11.48 9.28
N GLU B 278 36.46 -12.71 8.97
CA GLU B 278 36.18 -13.07 7.58
C GLU B 278 35.06 -12.16 7.07
N SER B 279 33.99 -12.12 7.86
CA SER B 279 32.82 -11.33 7.60
C SER B 279 33.18 -9.89 7.28
N THR B 280 34.00 -9.28 8.13
CA THR B 280 34.40 -7.90 7.95
C THR B 280 35.34 -7.61 6.76
N GLN B 281 36.33 -8.47 6.53
CA GLN B 281 37.25 -8.30 5.41
C GLN B 281 36.45 -8.32 4.11
N ALA B 282 35.49 -9.23 4.04
CA ALA B 282 34.63 -9.40 2.88
C ALA B 282 33.83 -8.12 2.63
N ALA B 283 33.37 -7.48 3.69
CA ALA B 283 32.62 -6.24 3.53
C ALA B 283 33.53 -5.15 2.94
N ARG B 284 34.75 -5.02 3.45
CA ARG B 284 35.70 -4.04 2.95
C ARG B 284 35.99 -4.20 1.46
N VAL B 285 36.24 -5.44 1.05
CA VAL B 285 36.54 -5.69 -0.35
C VAL B 285 35.40 -5.26 -1.27
N ALA B 286 34.16 -5.52 -0.82
CA ALA B 286 32.96 -5.19 -1.58
C ALA B 286 32.76 -3.71 -1.76
N ILE B 287 32.98 -2.93 -0.69
CA ILE B 287 32.84 -1.49 -0.77
C ILE B 287 33.91 -0.93 -1.71
N GLU B 288 35.12 -1.45 -1.62
CA GLU B 288 36.20 -0.97 -2.49
C GLU B 288 35.89 -1.16 -3.95
N CYS B 289 35.37 -2.33 -4.27
CA CYS B 289 35.02 -2.67 -5.62
C CYS B 289 33.96 -1.83 -6.28
N CYS B 290 33.06 -1.22 -5.52
CA CYS B 290 32.00 -0.43 -6.15
C CYS B 290 31.85 1.02 -5.76
N GLY B 291 32.59 1.50 -4.75
CA GLY B 291 32.48 2.91 -4.37
C GLY B 291 31.18 3.32 -3.68
N ALA B 292 30.48 2.33 -3.15
CA ALA B 292 29.25 2.60 -2.46
C ALA B 292 29.55 3.35 -1.17
N ALA B 293 28.78 4.40 -0.91
CA ALA B 293 28.97 5.20 0.29
C ALA B 293 28.05 4.78 1.44
N ASP B 294 26.95 4.08 1.13
CA ASP B 294 25.99 3.63 2.13
C ASP B 294 25.85 2.08 2.08
N LEU B 295 25.73 1.43 3.24
CA LEU B 295 25.64 -0.05 3.27
C LEU B 295 24.37 -0.61 3.88
N LEU B 296 23.61 -1.41 3.12
CA LEU B 296 22.39 -2.04 3.61
C LEU B 296 22.67 -3.52 3.84
N MET B 297 22.37 -3.98 5.04
CA MET B 297 22.66 -5.36 5.42
C MET B 297 21.43 -6.18 5.79
N SER B 298 21.45 -7.47 5.46
CA SER B 298 20.36 -8.40 5.81
C SER B 298 20.93 -9.39 6.77
N PHE B 299 20.32 -9.49 7.95
CA PHE B 299 20.81 -10.41 8.97
C PHE B 299 19.90 -11.66 9.09
N GLU B 300 18.95 -11.82 8.16
CA GLU B 300 17.98 -12.92 8.15
C GLU B 300 18.42 -14.36 8.17
N SER B 301 19.53 -14.67 7.51
CA SER B 301 20.04 -16.04 7.44
C SER B 301 20.36 -16.67 8.78
N MET B 302 20.50 -15.87 9.83
CA MET B 302 20.80 -16.36 11.18
C MET B 302 19.53 -16.76 11.91
N GLU B 303 19.31 -18.07 11.95
CA GLU B 303 18.14 -18.70 12.58
C GLU B 303 18.02 -18.49 14.08
N ASP B 304 19.15 -18.50 14.77
CA ASP B 304 19.14 -18.31 16.21
C ASP B 304 18.82 -16.82 16.47
N LYS B 305 17.64 -16.52 17.02
CA LYS B 305 17.26 -15.12 17.26
C LYS B 305 18.16 -14.33 18.25
N ALA B 306 18.85 -15.04 19.15
CA ALA B 306 19.75 -14.41 20.13
C ALA B 306 21.11 -14.10 19.46
N GLN B 307 21.56 -15.01 18.60
CA GLN B 307 22.80 -14.88 17.85
C GLN B 307 22.63 -13.70 16.89
N GLN B 308 21.45 -13.64 16.25
CA GLN B 308 21.14 -12.56 15.31
C GLN B 308 21.22 -11.23 16.01
N ARG B 309 20.52 -11.09 17.13
CA ARG B 309 20.50 -9.85 17.92
C ARG B 309 21.89 -9.46 18.37
N ALA B 310 22.72 -10.45 18.68
CA ALA B 310 24.07 -10.16 19.13
C ALA B 310 24.83 -9.48 18.03
N VAL B 311 24.73 -10.02 16.81
CA VAL B 311 25.43 -9.46 15.66
C VAL B 311 24.96 -8.02 15.34
N ILE B 312 23.66 -7.82 15.34
CA ILE B 312 23.09 -6.52 15.07
C ILE B 312 23.66 -5.53 16.06
N ASP B 313 23.68 -5.93 17.33
CA ASP B 313 24.20 -5.11 18.45
C ASP B 313 25.67 -4.72 18.29
N VAL B 314 26.49 -5.67 17.85
CA VAL B 314 27.90 -5.43 17.64
C VAL B 314 28.03 -4.49 16.45
N VAL B 315 27.29 -4.74 15.38
CA VAL B 315 27.36 -3.89 14.20
C VAL B 315 27.04 -2.45 14.57
N ASN B 316 26.08 -2.29 15.45
CA ASN B 316 25.68 -0.97 15.87
C ASN B 316 26.73 -0.34 16.77
N ALA B 317 27.43 -1.16 17.53
CA ALA B 317 28.47 -0.66 18.44
C ALA B 317 29.59 0.00 17.62
N ASN B 318 29.87 -0.56 16.44
CA ASN B 318 30.88 -0.06 15.51
C ASN B 318 30.49 1.32 14.96
N ILE B 319 29.25 1.48 14.52
CA ILE B 319 28.75 2.75 13.99
C ILE B 319 28.98 3.84 15.05
N VAL B 320 28.67 3.50 16.30
CA VAL B 320 28.80 4.43 17.42
C VAL B 320 30.25 4.90 17.67
N LYS B 321 31.16 3.94 17.76
CA LYS B 321 32.56 4.27 18.02
C LYS B 321 33.31 4.94 16.86
N TYR B 322 33.28 4.25 15.72
CA TYR B 322 33.99 4.64 14.49
C TYR B 322 33.28 5.46 13.41
N HIS B 323 31.99 5.69 13.55
CA HIS B 323 31.27 6.45 12.53
C HIS B 323 30.35 7.54 13.07
N SER B 324 30.72 8.08 14.23
CA SER B 324 29.93 9.14 14.84
C SER B 324 30.59 10.50 14.74
#